data_7AJQ
#
_entry.id   7AJQ
#
_cell.length_a   1.00
_cell.length_b   1.00
_cell.length_c   1.00
_cell.angle_alpha   90.00
_cell.angle_beta   90.00
_cell.angle_gamma   90.00
#
_symmetry.space_group_name_H-M   'P 1'
#
loop_
_entity.id
_entity.type
_entity.pdbx_description
1 polymer 'Biopolymer transport protein ExbB'
2 polymer 'Biopolymer transport protein ExbD'
#
loop_
_entity_poly.entity_id
_entity_poly.type
_entity_poly.pdbx_seq_one_letter_code
_entity_poly.pdbx_strand_id
1 'polypeptide(L)'
;APAANPAVTESVAPTTAPAPAAAAPESITPVNPAPTIQPPETRGMDLSIWGMYQHADAVVKAVMIGLVLASIVTWTILFA
KGSELLRAKRRLRREQLALAEARSLDEASELAQNFSPESVSAVLLNDAQNELELSAESNDNNGIKERTGFRLERRVAAYS
RNMGRGNGFLATIGAISPFVGLFGTVWGIMNSFIGIAHSQTTNLAVVAPGIAEALLATAMGLVAAIPAVVIYNIFARVIS
GHRAQVGDVAAQVLLLQGRDLDLAATAEAKRSQHAHQLRAG
;
A,B,C,D,E
2 'polypeptide(L)'
;MAMRLNEDLDDSGELHEINVTPFIDVMLVLLIIFMVAAPLATVDIRVDLPASSAKPQPRPEKPVFLSVKADKQLYVGDQP
VNADQLTSVLDQRTQANKETTIFFQADKSVDYETLMSVMDTLRKAGYLKVGLVGMEGAAKHHHHHH
;
F,G
#
# COMPACT_ATOMS: atom_id res chain seq x y z
N MET A 52 3.72 43.65 5.87
CA MET A 52 4.26 44.53 4.84
C MET A 52 5.78 44.52 4.86
N TYR A 53 6.38 45.65 5.20
CA TYR A 53 7.83 45.83 5.29
C TYR A 53 8.54 45.55 3.97
N GLN A 54 7.82 45.67 2.86
CA GLN A 54 8.34 45.56 1.50
C GLN A 54 8.94 44.19 1.18
N HIS A 55 8.77 43.20 2.05
CA HIS A 55 9.25 41.85 1.79
C HIS A 55 8.11 40.85 1.92
N ALA A 56 6.93 41.23 1.43
CA ALA A 56 5.74 40.38 1.46
C ALA A 56 5.44 39.75 0.12
N ASP A 57 5.66 40.47 -0.98
CA ASP A 57 5.39 39.94 -2.31
C ASP A 57 6.59 39.26 -2.94
N ALA A 58 7.79 39.49 -2.40
CA ALA A 58 8.98 38.81 -2.93
C ALA A 58 8.83 37.30 -2.84
N VAL A 59 8.40 36.80 -1.68
CA VAL A 59 8.13 35.37 -1.57
C VAL A 59 6.97 34.98 -2.46
N VAL A 60 6.02 35.89 -2.69
CA VAL A 60 4.87 35.58 -3.54
C VAL A 60 5.32 35.37 -4.98
N LYS A 61 6.08 36.31 -5.53
CA LYS A 61 6.58 36.13 -6.89
C LYS A 61 7.55 34.96 -6.97
N ALA A 62 8.30 34.69 -5.89
CA ALA A 62 9.22 33.56 -5.87
C ALA A 62 8.46 32.24 -6.01
N VAL A 63 7.42 32.04 -5.19
CA VAL A 63 6.67 30.80 -5.29
C VAL A 63 5.88 30.76 -6.59
N MET A 64 5.48 31.92 -7.12
CA MET A 64 4.76 31.94 -8.39
C MET A 64 5.65 31.43 -9.53
N ILE A 65 6.86 31.99 -9.63
CA ILE A 65 7.77 31.52 -10.68
C ILE A 65 8.19 30.09 -10.41
N GLY A 66 8.25 29.68 -9.15
CA GLY A 66 8.51 28.29 -8.85
C GLY A 66 7.45 27.36 -9.41
N LEU A 67 6.18 27.73 -9.23
CA LEU A 67 5.11 26.91 -9.80
C LEU A 67 5.12 26.94 -11.33
N VAL A 68 5.41 28.09 -11.93
CA VAL A 68 5.40 28.12 -13.39
C VAL A 68 6.55 27.29 -13.96
N LEU A 69 7.71 27.30 -13.30
CA LEU A 69 8.82 26.48 -13.77
C LEU A 69 8.54 25.01 -13.52
N ALA A 70 7.91 24.67 -12.40
CA ALA A 70 7.52 23.29 -12.16
C ALA A 70 6.55 22.81 -13.23
N SER A 71 5.59 23.66 -13.62
CA SER A 71 4.63 23.28 -14.65
C SER A 71 5.31 23.09 -16.00
N ILE A 72 6.24 23.98 -16.36
CA ILE A 72 6.91 23.81 -17.65
C ILE A 72 7.81 22.58 -17.63
N VAL A 73 8.40 22.26 -16.47
CA VAL A 73 9.18 21.03 -16.37
C VAL A 73 8.29 19.82 -16.53
N THR A 74 7.11 19.84 -15.91
CA THR A 74 6.17 18.74 -16.10
C THR A 74 5.78 18.61 -17.57
N TRP A 75 5.57 19.73 -18.25
CA TRP A 75 5.18 19.68 -19.66
C TRP A 75 6.29 19.09 -20.52
N THR A 76 7.53 19.55 -20.33
CA THR A 76 8.61 19.05 -21.17
C THR A 76 8.95 17.59 -20.84
N ILE A 77 8.84 17.19 -19.57
CA ILE A 77 9.09 15.79 -19.25
C ILE A 77 7.94 14.94 -19.79
N LEU A 78 6.73 15.48 -19.84
CA LEU A 78 5.64 14.77 -20.52
C LEU A 78 6.00 14.54 -21.98
N PHE A 79 6.41 15.60 -22.68
CA PHE A 79 6.79 15.48 -24.08
C PHE A 79 7.86 14.39 -24.26
N ALA A 80 8.97 14.52 -23.53
CA ALA A 80 10.10 13.62 -23.72
C ALA A 80 9.74 12.19 -23.36
N LYS A 81 9.18 11.98 -22.17
CA LYS A 81 8.85 10.64 -21.71
C LYS A 81 7.79 10.00 -22.59
N GLY A 82 6.78 10.76 -23.02
CA GLY A 82 5.78 10.20 -23.92
C GLY A 82 6.38 9.76 -25.23
N SER A 83 7.20 10.63 -25.84
CA SER A 83 7.87 10.25 -27.08
C SER A 83 8.68 8.97 -26.90
N GLU A 84 9.53 8.94 -25.87
CA GLU A 84 10.42 7.80 -25.68
C GLU A 84 9.64 6.53 -25.37
N LEU A 85 8.61 6.63 -24.54
CA LEU A 85 7.86 5.45 -24.14
C LEU A 85 7.01 4.92 -25.28
N LEU A 86 6.43 5.80 -26.10
CA LEU A 86 5.67 5.32 -27.24
C LEU A 86 6.59 4.70 -28.28
N ARG A 87 7.78 5.28 -28.48
CA ARG A 87 8.77 4.66 -29.36
C ARG A 87 9.16 3.28 -28.85
N ALA A 88 9.43 3.16 -27.56
CA ALA A 88 9.81 1.87 -26.99
C ALA A 88 8.66 0.87 -27.06
N LYS A 89 7.42 1.34 -26.88
CA LYS A 89 6.27 0.46 -26.97
C LYS A 89 6.12 -0.09 -28.38
N ARG A 90 6.22 0.78 -29.39
CA ARG A 90 6.14 0.32 -30.76
C ARG A 90 7.28 -0.64 -31.09
N ARG A 91 8.49 -0.33 -30.61
CA ARG A 91 9.64 -1.19 -30.87
C ARG A 91 9.44 -2.57 -30.26
N LEU A 92 9.02 -2.61 -28.99
CA LEU A 92 8.80 -3.89 -28.33
C LEU A 92 7.65 -4.66 -28.95
N ARG A 93 6.61 -3.95 -29.43
CA ARG A 93 5.52 -4.63 -30.11
C ARG A 93 6.00 -5.30 -31.39
N ARG A 94 6.74 -4.55 -32.21
CA ARG A 94 7.26 -5.13 -33.44
C ARG A 94 8.19 -6.30 -33.16
N GLU A 95 9.07 -6.16 -32.16
CA GLU A 95 10.03 -7.23 -31.90
C GLU A 95 9.35 -8.45 -31.26
N GLN A 96 8.30 -8.23 -30.47
CA GLN A 96 7.53 -9.35 -29.95
C GLN A 96 6.79 -10.07 -31.06
N LEU A 97 6.22 -9.32 -32.01
CA LEU A 97 5.58 -9.95 -33.16
C LEU A 97 6.59 -10.73 -33.99
N ALA A 98 7.83 -10.24 -34.06
CA ALA A 98 8.85 -10.94 -34.83
C ALA A 98 9.35 -12.20 -34.10
N LEU A 99 9.49 -12.12 -32.78
CA LEU A 99 10.04 -13.22 -31.99
C LEU A 99 8.99 -14.24 -31.57
N ALA A 100 7.70 -13.94 -31.77
CA ALA A 100 6.67 -14.92 -31.44
C ALA A 100 6.77 -16.17 -32.31
N GLU A 101 7.49 -16.09 -33.43
CA GLU A 101 7.68 -17.22 -34.33
C GLU A 101 9.02 -17.92 -34.08
N ALA A 102 9.48 -17.94 -32.85
CA ALA A 102 10.76 -18.54 -32.50
C ALA A 102 10.55 -19.93 -31.90
N ARG A 103 11.51 -20.82 -32.17
CA ARG A 103 11.49 -22.18 -31.64
C ARG A 103 12.65 -22.46 -30.71
N SER A 104 13.87 -22.11 -31.11
CA SER A 104 15.07 -22.29 -30.31
C SER A 104 15.73 -20.94 -30.06
N LEU A 105 16.77 -20.95 -29.25
CA LEU A 105 17.48 -19.70 -28.95
C LEU A 105 18.29 -19.20 -30.14
N ASP A 106 18.67 -20.09 -31.05
CA ASP A 106 19.49 -19.69 -32.20
C ASP A 106 18.74 -18.73 -33.11
N GLU A 107 17.51 -19.09 -33.48
CA GLU A 107 16.73 -18.22 -34.36
C GLU A 107 16.40 -16.91 -33.67
N ALA A 108 16.05 -16.95 -32.38
CA ALA A 108 15.76 -15.73 -31.65
C ALA A 108 16.97 -14.82 -31.61
N SER A 109 18.17 -15.38 -31.38
CA SER A 109 19.37 -14.56 -31.32
C SER A 109 19.72 -13.99 -32.69
N GLU A 110 19.61 -14.81 -33.74
CA GLU A 110 19.93 -14.35 -35.09
C GLU A 110 18.92 -13.31 -35.59
N LEU A 111 17.71 -13.32 -35.05
CA LEU A 111 16.76 -12.26 -35.39
C LEU A 111 16.97 -11.02 -34.56
N ALA A 112 17.32 -11.18 -33.27
CA ALA A 112 17.55 -10.04 -32.41
C ALA A 112 18.81 -9.27 -32.81
N GLN A 113 19.81 -9.97 -33.35
CA GLN A 113 21.02 -9.28 -33.79
C GLN A 113 20.75 -8.31 -34.93
N ASN A 114 19.63 -8.47 -35.63
CA ASN A 114 19.26 -7.55 -36.71
C ASN A 114 18.44 -6.37 -36.20
N PHE A 115 17.91 -6.44 -34.99
CA PHE A 115 17.12 -5.35 -34.45
C PHE A 115 18.03 -4.20 -34.02
N SER A 116 17.41 -3.13 -33.54
CA SER A 116 18.18 -2.03 -32.98
C SER A 116 18.65 -2.41 -31.58
N PRO A 117 19.97 -2.34 -31.30
CA PRO A 117 20.48 -2.78 -30.00
C PRO A 117 19.99 -1.95 -28.82
N GLU A 118 19.19 -0.91 -29.04
CA GLU A 118 18.62 -0.11 -27.96
C GLU A 118 17.30 -0.72 -27.46
N SER A 119 17.35 -2.01 -27.13
CA SER A 119 16.16 -2.74 -26.69
C SER A 119 16.57 -3.68 -25.56
N VAL A 120 15.78 -3.68 -24.49
CA VAL A 120 16.05 -4.57 -23.36
C VAL A 120 15.92 -6.03 -23.77
N SER A 121 15.13 -6.31 -24.81
CA SER A 121 14.93 -7.68 -25.29
C SER A 121 16.24 -8.35 -25.69
N ALA A 122 16.93 -7.78 -26.68
CA ALA A 122 18.21 -8.33 -27.11
C ALA A 122 19.26 -8.27 -26.01
N VAL A 123 19.21 -7.26 -25.14
CA VAL A 123 20.12 -7.20 -24.01
C VAL A 123 19.96 -8.45 -23.14
N LEU A 124 18.71 -8.76 -22.77
CA LEU A 124 18.45 -9.93 -21.96
C LEU A 124 18.78 -11.22 -22.70
N LEU A 125 18.56 -11.25 -24.01
CA LEU A 125 18.87 -12.44 -24.79
C LEU A 125 20.37 -12.73 -24.76
N ASN A 126 21.18 -11.75 -25.12
CA ASN A 126 22.62 -11.92 -25.04
C ASN A 126 23.10 -12.12 -23.61
N ASP A 127 22.37 -11.59 -22.63
CA ASP A 127 22.74 -11.81 -21.23
C ASP A 127 22.55 -13.27 -20.84
N ALA A 128 21.44 -13.86 -21.24
CA ALA A 128 21.23 -15.29 -20.99
C ALA A 128 22.23 -16.14 -21.76
N GLN A 129 22.57 -15.74 -22.98
CA GLN A 129 23.61 -16.45 -23.73
C GLN A 129 24.94 -16.40 -23.00
N ASN A 130 25.33 -15.22 -22.53
CA ASN A 130 26.58 -15.10 -21.77
C ASN A 130 26.52 -15.86 -20.46
N GLU A 131 25.35 -15.94 -19.84
CA GLU A 131 25.23 -16.68 -18.59
C GLU A 131 25.39 -18.19 -18.83
N LEU A 132 24.85 -18.68 -19.95
CA LEU A 132 25.10 -20.08 -20.32
C LEU A 132 26.58 -20.31 -20.62
N GLU A 133 27.20 -19.40 -21.38
CA GLU A 133 28.61 -19.52 -21.68
C GLU A 133 29.46 -19.48 -20.41
N LEU A 134 28.98 -18.76 -19.39
CA LEU A 134 29.69 -18.71 -18.12
C LEU A 134 29.45 -19.98 -17.32
N SER A 135 28.25 -20.56 -17.44
CA SER A 135 27.97 -21.87 -16.87
C SER A 135 29.02 -22.84 -17.38
N ALA A 136 29.26 -22.82 -18.70
CA ALA A 136 30.47 -23.40 -19.26
C ALA A 136 30.70 -24.85 -18.87
N GLU A 137 29.84 -25.75 -19.36
CA GLU A 137 29.97 -27.19 -19.12
C GLU A 137 29.64 -27.58 -17.68
N SER A 138 28.65 -26.91 -17.10
CA SER A 138 28.15 -27.25 -15.77
C SER A 138 26.78 -27.89 -15.92
N ASN A 139 26.63 -29.11 -15.42
CA ASN A 139 25.42 -29.90 -15.63
C ASN A 139 24.31 -29.55 -14.64
N ASP A 140 24.40 -28.40 -13.97
CA ASP A 140 23.33 -27.95 -13.07
C ASP A 140 22.39 -27.02 -13.84
N ASN A 141 21.60 -27.64 -14.72
CA ASN A 141 20.67 -26.88 -15.54
C ASN A 141 19.63 -26.14 -14.71
N ASN A 142 19.18 -26.75 -13.61
CA ASN A 142 18.17 -26.12 -12.77
C ASN A 142 18.71 -24.84 -12.16
N GLY A 143 19.91 -24.91 -11.55
CA GLY A 143 20.51 -23.70 -11.01
C GLY A 143 20.82 -22.67 -12.08
N ILE A 144 21.18 -23.12 -13.28
CA ILE A 144 21.39 -22.20 -14.39
C ILE A 144 20.10 -21.42 -14.67
N LYS A 145 18.99 -22.14 -14.78
CA LYS A 145 17.72 -21.47 -15.04
C LYS A 145 17.33 -20.54 -13.91
N GLU A 146 17.60 -20.94 -12.67
CA GLU A 146 17.24 -20.09 -11.53
C GLU A 146 18.04 -18.80 -11.53
N ARG A 147 19.37 -18.90 -11.71
CA ARG A 147 20.20 -17.70 -11.78
C ARG A 147 19.81 -16.83 -12.97
N THR A 148 19.48 -17.46 -14.10
CA THR A 148 19.06 -16.69 -15.26
C THR A 148 17.79 -15.90 -14.97
N GLY A 149 16.79 -16.57 -14.39
CA GLY A 149 15.55 -15.88 -14.06
C GLY A 149 15.76 -14.77 -13.05
N PHE A 150 16.61 -15.01 -12.06
CA PHE A 150 16.88 -13.98 -11.07
C PHE A 150 17.55 -12.77 -11.70
N ARG A 151 18.53 -13.00 -12.57
CA ARG A 151 19.20 -11.89 -13.26
C ARG A 151 18.22 -11.13 -14.15
N LEU A 152 17.37 -11.86 -14.87
CA LEU A 152 16.37 -11.21 -15.72
C LEU A 152 15.43 -10.36 -14.89
N GLU A 153 14.99 -10.87 -13.74
CA GLU A 153 14.09 -10.12 -12.88
C GLU A 153 14.76 -8.87 -12.35
N ARG A 154 16.00 -8.99 -11.89
CA ARG A 154 16.72 -7.81 -11.41
C ARG A 154 16.88 -6.77 -12.51
N ARG A 155 17.20 -7.22 -13.73
CA ARG A 155 17.40 -6.28 -14.83
C ARG A 155 16.11 -5.58 -15.20
N VAL A 156 15.00 -6.33 -15.30
CA VAL A 156 13.74 -5.68 -15.68
C VAL A 156 13.25 -4.78 -14.56
N ALA A 157 13.50 -5.13 -13.30
CA ALA A 157 13.14 -4.24 -12.20
C ALA A 157 13.95 -2.95 -12.27
N ALA A 158 15.25 -3.06 -12.55
CA ALA A 158 16.07 -1.87 -12.68
C ALA A 158 15.61 -1.00 -13.84
N TYR A 159 15.23 -1.62 -14.95
CA TYR A 159 14.77 -0.86 -16.10
C TYR A 159 13.45 -0.15 -15.80
N SER A 160 12.52 -0.84 -15.15
CA SER A 160 11.26 -0.21 -14.75
C SER A 160 11.50 0.93 -13.78
N ARG A 161 12.47 0.76 -12.88
CA ARG A 161 12.82 1.84 -11.95
C ARG A 161 13.38 3.04 -12.70
N ASN A 162 14.27 2.80 -13.67
CA ASN A 162 14.81 3.89 -14.46
C ASN A 162 13.72 4.56 -15.30
N MET A 163 12.66 3.83 -15.63
CA MET A 163 11.59 4.39 -16.44
C MET A 163 10.82 5.47 -15.67
N GLY A 164 10.55 5.23 -14.39
CA GLY A 164 9.80 6.19 -13.60
C GLY A 164 10.65 7.30 -13.02
N ARG A 165 11.03 8.26 -13.87
CA ARG A 165 11.91 9.34 -13.43
C ARG A 165 11.14 10.42 -12.68
N GLY A 166 10.21 11.07 -13.36
CA GLY A 166 9.47 12.18 -12.80
C GLY A 166 8.22 11.82 -12.02
N ASN A 167 8.03 10.53 -11.72
CA ASN A 167 6.85 10.08 -10.98
C ASN A 167 6.73 10.80 -9.65
N GLY A 168 7.70 10.56 -8.76
CA GLY A 168 7.70 11.25 -7.47
C GLY A 168 7.83 12.75 -7.61
N PHE A 169 8.49 13.21 -8.68
CA PHE A 169 8.64 14.64 -8.91
C PHE A 169 7.26 15.30 -9.03
N LEU A 170 6.47 14.85 -10.00
CA LEU A 170 5.12 15.39 -10.17
C LEU A 170 4.26 15.11 -8.94
N ALA A 171 4.45 13.97 -8.28
CA ALA A 171 3.69 13.68 -7.07
C ALA A 171 3.89 14.79 -6.03
N THR A 172 5.14 15.05 -5.65
CA THR A 172 5.42 16.08 -4.67
C THR A 172 5.02 17.46 -5.18
N ILE A 173 5.17 17.72 -6.47
CA ILE A 173 4.80 19.04 -7.01
C ILE A 173 3.31 19.30 -6.78
N GLY A 174 2.47 18.35 -7.23
CA GLY A 174 1.04 18.47 -7.03
C GLY A 174 0.63 18.42 -5.57
N ALA A 175 1.44 17.78 -4.72
CA ALA A 175 1.10 17.74 -3.30
C ALA A 175 1.40 19.06 -2.61
N ILE A 176 2.50 19.72 -2.97
CA ILE A 176 2.95 20.90 -2.24
C ILE A 176 2.48 22.22 -2.85
N SER A 177 2.06 22.23 -4.12
CA SER A 177 1.56 23.48 -4.69
C SER A 177 0.35 24.05 -3.95
N PRO A 178 -0.66 23.26 -3.55
CA PRO A 178 -1.75 23.86 -2.77
C PRO A 178 -1.28 24.39 -1.43
N PHE A 179 -0.29 23.76 -0.82
CA PHE A 179 0.19 24.22 0.48
C PHE A 179 0.91 25.55 0.37
N VAL A 180 1.75 25.72 -0.65
CA VAL A 180 2.39 27.02 -0.82
C VAL A 180 1.38 28.07 -1.22
N GLY A 181 0.31 27.66 -1.93
CA GLY A 181 -0.78 28.59 -2.18
C GLY A 181 -1.44 29.06 -0.89
N LEU A 182 -1.69 28.12 0.03
CA LEU A 182 -2.26 28.48 1.32
C LEU A 182 -1.33 29.41 2.10
N PHE A 183 -0.02 29.14 2.03
CA PHE A 183 0.95 30.01 2.70
C PHE A 183 0.88 31.42 2.14
N GLY A 184 0.86 31.53 0.81
CA GLY A 184 0.72 32.85 0.20
C GLY A 184 -0.56 33.55 0.64
N THR A 185 -1.67 32.82 0.68
CA THR A 185 -2.94 33.43 1.04
C THR A 185 -2.91 33.93 2.49
N VAL A 186 -2.39 33.11 3.41
CA VAL A 186 -2.40 33.51 4.81
C VAL A 186 -1.46 34.68 5.03
N TRP A 187 -0.31 34.70 4.34
CA TRP A 187 0.59 35.84 4.52
C TRP A 187 -0.02 37.12 3.95
N GLY A 188 -0.65 37.02 2.77
CA GLY A 188 -1.28 38.19 2.20
C GLY A 188 -2.41 38.73 3.07
N ILE A 189 -3.24 37.83 3.60
CA ILE A 189 -4.34 38.28 4.45
C ILE A 189 -3.81 38.81 5.78
N MET A 190 -2.67 38.30 6.24
CA MET A 190 -2.04 38.85 7.45
C MET A 190 -1.58 40.28 7.21
N ASN A 191 -0.90 40.52 6.09
CA ASN A 191 -0.47 41.87 5.77
C ASN A 191 -1.67 42.79 5.58
N SER A 192 -2.75 42.27 5.00
CA SER A 192 -3.96 43.07 4.84
C SER A 192 -4.57 43.43 6.18
N PHE A 193 -4.56 42.48 7.13
CA PHE A 193 -5.06 42.77 8.47
C PHE A 193 -4.19 43.81 9.16
N ILE A 194 -2.87 43.71 8.98
CA ILE A 194 -1.96 44.69 9.55
C ILE A 194 -2.27 46.08 8.99
N GLY A 195 -2.51 46.16 7.68
CA GLY A 195 -2.84 47.44 7.09
C GLY A 195 -4.16 48.00 7.57
N ILE A 196 -5.19 47.15 7.64
CA ILE A 196 -6.51 47.61 8.09
C ILE A 196 -6.50 47.93 9.58
N ALA A 197 -5.55 47.40 10.33
CA ALA A 197 -5.41 47.79 11.73
C ALA A 197 -4.66 49.11 11.86
N HIS A 198 -3.65 49.33 11.01
CA HIS A 198 -2.96 50.61 11.01
C HIS A 198 -3.89 51.73 10.57
N SER A 199 -4.84 51.44 9.68
CA SER A 199 -5.87 52.39 9.25
C SER A 199 -7.22 51.75 9.57
N GLN A 200 -7.70 51.97 10.80
CA GLN A 200 -8.95 51.37 11.23
C GLN A 200 -10.12 51.99 10.49
N THR A 201 -10.84 51.17 9.72
CA THR A 201 -11.99 51.64 8.97
C THR A 201 -12.84 50.45 8.58
N THR A 202 -14.11 50.73 8.26
CA THR A 202 -15.02 49.68 7.80
C THR A 202 -14.88 49.44 6.30
N ASN A 203 -14.49 50.46 5.55
CA ASN A 203 -14.27 50.28 4.11
C ASN A 203 -13.07 49.37 3.88
N LEU A 204 -13.25 48.36 3.04
CA LEU A 204 -12.20 47.37 2.80
C LEU A 204 -11.82 47.34 1.33
N ALA A 205 -11.64 48.52 0.73
CA ALA A 205 -11.19 48.60 -0.65
C ALA A 205 -9.69 48.39 -0.80
N VAL A 206 -8.96 48.27 0.32
CA VAL A 206 -7.52 48.07 0.26
C VAL A 206 -7.14 46.59 0.36
N VAL A 207 -8.02 45.75 0.89
CA VAL A 207 -7.73 44.33 0.99
C VAL A 207 -7.77 43.65 -0.38
N ALA A 208 -8.35 44.32 -1.38
CA ALA A 208 -8.56 43.67 -2.68
C ALA A 208 -7.27 43.21 -3.35
N PRO A 209 -6.21 44.03 -3.47
CA PRO A 209 -4.99 43.52 -4.15
C PRO A 209 -4.34 42.37 -3.41
N GLY A 210 -4.34 42.41 -2.09
CA GLY A 210 -3.74 41.35 -1.30
C GLY A 210 -4.39 40.00 -1.53
N ILE A 211 -5.70 39.91 -1.27
CA ILE A 211 -6.43 38.67 -1.51
C ILE A 211 -6.39 38.31 -2.98
N ALA A 212 -6.30 39.32 -3.86
CA ALA A 212 -6.24 39.06 -5.29
C ALA A 212 -4.99 38.27 -5.65
N GLU A 213 -3.81 38.80 -5.26
CA GLU A 213 -2.58 38.09 -5.55
C GLU A 213 -2.48 36.78 -4.77
N ALA A 214 -3.11 36.71 -3.59
CA ALA A 214 -3.12 35.48 -2.83
C ALA A 214 -3.85 34.37 -3.59
N LEU A 215 -5.08 34.65 -4.01
CA LEU A 215 -5.84 33.66 -4.78
C LEU A 215 -5.24 33.45 -6.17
N LEU A 216 -4.48 34.42 -6.69
CA LEU A 216 -3.76 34.20 -7.93
C LEU A 216 -2.67 33.15 -7.75
N ALA A 217 -1.89 33.26 -6.68
CA ALA A 217 -0.90 32.23 -6.37
C ALA A 217 -1.58 30.90 -6.11
N THR A 218 -2.74 30.91 -5.46
CA THR A 218 -3.47 29.67 -5.22
C THR A 218 -3.90 29.03 -6.55
N ALA A 219 -4.46 29.84 -7.45
CA ALA A 219 -4.88 29.33 -8.76
C ALA A 219 -3.68 28.82 -9.55
N MET A 220 -2.52 29.46 -9.42
CA MET A 220 -1.32 28.94 -10.06
C MET A 220 -0.94 27.58 -9.48
N GLY A 221 -1.04 27.44 -8.16
CA GLY A 221 -0.81 26.14 -7.55
C GLY A 221 -1.76 25.08 -8.08
N LEU A 222 -3.04 25.43 -8.25
CA LEU A 222 -4.00 24.48 -8.77
C LEU A 222 -3.72 24.11 -10.23
N VAL A 223 -3.41 25.11 -11.06
CA VAL A 223 -3.14 24.84 -12.48
C VAL A 223 -1.78 24.20 -12.68
N ALA A 224 -0.96 24.13 -11.63
CA ALA A 224 0.24 23.32 -11.68
C ALA A 224 0.03 21.93 -11.11
N ALA A 225 -0.89 21.77 -10.16
CA ALA A 225 -1.10 20.49 -9.52
C ALA A 225 -2.01 19.57 -10.34
N ILE A 226 -3.10 20.11 -10.87
CA ILE A 226 -4.03 19.29 -11.66
C ILE A 226 -3.33 18.62 -12.84
N PRO A 227 -2.63 19.34 -13.73
CA PRO A 227 -1.86 18.62 -14.75
C PRO A 227 -0.79 17.73 -14.15
N ALA A 228 -0.17 18.18 -13.06
CA ALA A 228 0.81 17.35 -12.37
C ALA A 228 0.22 15.99 -12.01
N VAL A 229 -0.94 15.97 -11.35
CA VAL A 229 -1.49 14.72 -10.86
C VAL A 229 -2.03 13.87 -12.01
N VAL A 230 -2.66 14.51 -13.01
CA VAL A 230 -3.22 13.69 -14.09
C VAL A 230 -2.11 13.08 -14.93
N ILE A 231 -1.04 13.83 -15.19
CA ILE A 231 0.09 13.30 -15.93
C ILE A 231 0.82 12.25 -15.11
N TYR A 232 0.87 12.44 -13.78
CA TYR A 232 1.46 11.42 -12.91
C TYR A 232 0.70 10.11 -13.02
N ASN A 233 -0.63 10.17 -13.02
CA ASN A 233 -1.42 8.96 -13.13
C ASN A 233 -1.29 8.33 -14.51
N ILE A 234 -1.28 9.15 -15.56
CA ILE A 234 -1.07 8.64 -16.91
C ILE A 234 0.27 7.94 -17.01
N PHE A 235 1.31 8.52 -16.42
CA PHE A 235 2.63 7.92 -16.42
C PHE A 235 2.64 6.61 -15.65
N ALA A 236 1.96 6.57 -14.50
CA ALA A 236 1.85 5.33 -13.76
C ALA A 236 1.21 4.24 -14.61
N ARG A 237 0.14 4.59 -15.34
CA ARG A 237 -0.54 3.59 -16.16
C ARG A 237 0.36 3.10 -17.29
N VAL A 238 1.05 4.02 -17.97
CA VAL A 238 1.85 3.61 -19.11
C VAL A 238 3.08 2.84 -18.67
N ILE A 239 3.66 3.17 -17.51
CA ILE A 239 4.81 2.40 -17.04
C ILE A 239 4.36 1.05 -16.52
N SER A 240 3.13 0.95 -16.00
CA SER A 240 2.59 -0.36 -15.65
C SER A 240 2.42 -1.23 -16.89
N GLY A 241 1.89 -0.64 -17.97
CA GLY A 241 1.79 -1.38 -19.22
C GLY A 241 3.14 -1.82 -19.75
N HIS A 242 4.13 -0.92 -19.73
CA HIS A 242 5.46 -1.27 -20.19
C HIS A 242 6.11 -2.34 -19.33
N ARG A 243 5.87 -2.28 -18.01
CA ARG A 243 6.39 -3.30 -17.11
C ARG A 243 5.75 -4.64 -17.39
N ALA A 244 4.44 -4.66 -17.63
CA ALA A 244 3.78 -5.89 -18.02
C ALA A 244 4.36 -6.44 -19.31
N GLN A 245 4.63 -5.56 -20.28
CA GLN A 245 5.16 -6.01 -21.56
C GLN A 245 6.56 -6.60 -21.41
N VAL A 246 7.43 -5.93 -20.66
CA VAL A 246 8.78 -6.46 -20.50
C VAL A 246 8.76 -7.73 -19.66
N GLY A 247 7.82 -7.84 -18.72
CA GLY A 247 7.65 -9.10 -18.02
C GLY A 247 7.21 -10.21 -18.94
N ASP A 248 6.32 -9.90 -19.89
CA ASP A 248 5.92 -10.89 -20.89
C ASP A 248 7.11 -11.35 -21.72
N VAL A 249 7.92 -10.41 -22.18
CA VAL A 249 9.05 -10.80 -23.03
C VAL A 249 10.11 -11.54 -22.21
N ALA A 250 10.25 -11.20 -20.93
CA ALA A 250 11.18 -11.93 -20.07
C ALA A 250 10.71 -13.35 -19.84
N ALA A 251 9.41 -13.52 -19.57
CA ALA A 251 8.86 -14.87 -19.44
C ALA A 251 9.03 -15.64 -20.75
N GLN A 252 8.89 -14.96 -21.88
CA GLN A 252 9.05 -15.62 -23.17
C GLN A 252 10.48 -16.11 -23.36
N VAL A 253 11.46 -15.25 -23.07
CA VAL A 253 12.85 -15.67 -23.29
C VAL A 253 13.25 -16.74 -22.27
N LEU A 254 12.73 -16.66 -21.04
CA LEU A 254 13.04 -17.70 -20.07
C LEU A 254 12.41 -19.03 -20.45
N LEU A 255 11.17 -19.00 -20.96
CA LEU A 255 10.53 -20.20 -21.45
C LEU A 255 11.30 -20.79 -22.61
N LEU A 256 11.79 -19.94 -23.52
CA LEU A 256 12.59 -20.41 -24.63
C LEU A 256 13.85 -21.10 -24.14
N GLN A 257 14.58 -20.46 -23.21
CA GLN A 257 15.79 -21.03 -22.67
C GLN A 257 15.52 -22.39 -22.02
N GLY A 258 14.52 -22.43 -21.13
CA GLY A 258 14.21 -23.68 -20.45
C GLY A 258 13.79 -24.77 -21.43
N ARG A 259 12.99 -24.41 -22.43
CA ARG A 259 12.50 -25.39 -23.40
C ARG A 259 13.65 -25.97 -24.20
N ASP A 260 14.54 -25.12 -24.72
CA ASP A 260 15.66 -25.65 -25.50
C ASP A 260 16.61 -26.46 -24.63
N LEU A 261 16.82 -26.01 -23.39
CA LEU A 261 17.71 -26.75 -22.49
C LEU A 261 17.15 -28.14 -22.19
N ASP A 262 15.86 -28.22 -21.88
CA ASP A 262 15.23 -29.51 -21.63
C ASP A 262 15.23 -30.38 -22.88
N LEU A 263 14.99 -29.77 -24.04
CA LEU A 263 15.04 -30.51 -25.30
C LEU A 263 16.41 -31.14 -25.51
N ALA A 264 17.47 -30.36 -25.31
CA ALA A 264 18.82 -30.89 -25.49
C ALA A 264 19.16 -31.94 -24.44
N ALA A 265 18.70 -31.74 -23.20
CA ALA A 265 19.09 -32.64 -22.12
C ALA A 265 18.31 -33.95 -22.14
N THR A 266 17.09 -33.95 -22.68
CA THR A 266 16.22 -35.12 -22.58
C THR A 266 16.87 -36.36 -23.20
N ALA A 267 17.14 -36.30 -24.50
CA ALA A 267 17.71 -37.47 -25.18
C ALA A 267 19.13 -37.75 -24.70
N GLU A 268 19.92 -36.69 -24.50
CA GLU A 268 21.31 -36.88 -24.10
C GLU A 268 21.41 -37.48 -22.70
N ALA A 269 20.34 -37.39 -21.91
CA ALA A 269 20.32 -38.03 -20.60
C ALA A 269 19.71 -39.41 -20.66
N LYS A 270 18.64 -39.59 -21.43
CA LYS A 270 17.98 -40.90 -21.52
C LYS A 270 18.70 -41.86 -22.44
N ARG A 271 19.78 -41.45 -23.10
CA ARG A 271 20.53 -42.34 -23.96
C ARG A 271 21.98 -42.56 -23.52
N SER A 272 22.59 -41.59 -22.82
CA SER A 272 24.01 -41.68 -22.48
C SER A 272 24.22 -42.23 -21.07
N GLN A 273 23.71 -41.55 -20.05
CA GLN A 273 23.97 -41.97 -18.67
C GLN A 273 23.22 -43.25 -18.33
N HIS A 274 22.01 -43.42 -18.89
CA HIS A 274 21.17 -44.56 -18.58
C HIS A 274 21.80 -45.89 -19.00
N ALA A 275 21.97 -46.08 -20.30
CA ALA A 275 22.39 -47.39 -20.81
C ALA A 275 23.83 -47.70 -20.42
N HIS A 276 24.74 -46.78 -20.74
CA HIS A 276 26.17 -47.01 -20.54
C HIS A 276 26.47 -47.45 -19.11
N GLN A 277 26.04 -46.65 -18.13
CA GLN A 277 26.36 -46.97 -16.74
C GLN A 277 25.46 -48.03 -16.13
N LEU A 278 24.17 -48.05 -16.45
CA LEU A 278 23.31 -49.08 -15.88
C LEU A 278 23.56 -50.45 -16.48
N ARG A 279 24.39 -50.55 -17.52
CA ARG A 279 24.94 -51.83 -17.93
C ARG A 279 26.39 -52.00 -17.50
N ALA A 280 27.11 -50.91 -17.24
CA ALA A 280 28.49 -50.95 -16.77
C ALA A 280 28.60 -50.70 -15.28
N GLY A 281 27.54 -50.93 -14.52
CA GLY A 281 27.57 -50.73 -13.08
C GLY A 281 27.26 -51.98 -12.28
N ASP B 46 1.53 42.43 17.77
CA ASP B 46 0.98 43.78 17.76
C ASP B 46 1.04 44.38 16.36
N LEU B 47 1.23 45.70 16.28
CA LEU B 47 1.34 46.35 14.99
C LEU B 47 2.60 45.93 14.24
N SER B 48 3.65 45.54 14.97
CA SER B 48 4.86 45.03 14.36
C SER B 48 4.79 43.51 14.28
N ILE B 49 5.25 42.96 13.15
CA ILE B 49 5.17 41.51 12.94
C ILE B 49 5.99 40.78 13.98
N TRP B 50 7.15 41.31 14.33
CA TRP B 50 8.03 40.70 15.31
C TRP B 50 7.93 41.36 16.68
N GLY B 51 7.06 42.37 16.83
CA GLY B 51 6.97 43.07 18.11
C GLY B 51 6.46 42.18 19.22
N MET B 52 5.41 41.41 18.96
CA MET B 52 4.78 40.56 19.96
C MET B 52 5.29 39.13 19.79
N TYR B 53 6.52 38.90 20.23
CA TYR B 53 7.11 37.58 20.29
C TYR B 53 7.57 37.19 21.68
N GLN B 54 8.14 38.13 22.42
CA GLN B 54 8.62 37.89 23.78
C GLN B 54 7.57 38.23 24.83
N HIS B 55 6.35 38.56 24.42
CA HIS B 55 5.29 38.89 25.37
C HIS B 55 3.95 38.51 24.77
N ALA B 56 2.97 38.32 25.65
CA ALA B 56 1.59 37.97 25.32
C ALA B 56 1.48 36.66 24.56
N ASP B 57 2.55 35.87 24.48
CA ASP B 57 2.54 34.61 23.75
C ASP B 57 3.45 33.64 24.50
N ALA B 58 2.85 32.74 25.28
CA ALA B 58 3.58 31.67 25.95
C ALA B 58 3.46 30.35 25.19
N VAL B 59 2.21 29.88 24.99
CA VAL B 59 2.01 28.68 24.19
C VAL B 59 2.31 28.98 22.72
N VAL B 60 2.03 30.20 22.27
CA VAL B 60 2.37 30.57 20.89
C VAL B 60 3.87 30.56 20.69
N LYS B 61 4.62 31.13 21.65
CA LYS B 61 6.07 31.06 21.58
C LYS B 61 6.55 29.62 21.66
N ALA B 62 5.87 28.81 22.46
CA ALA B 62 6.24 27.39 22.58
C ALA B 62 6.12 26.69 21.23
N VAL B 63 4.98 26.86 20.55
CA VAL B 63 4.79 26.19 19.28
C VAL B 63 5.70 26.79 18.20
N MET B 64 6.00 28.08 18.29
CA MET B 64 6.92 28.70 17.34
C MET B 64 8.33 28.14 17.49
N ILE B 65 8.80 28.02 18.73
CA ILE B 65 10.10 27.40 18.99
C ILE B 65 10.09 25.94 18.54
N GLY B 66 8.98 25.24 18.79
CA GLY B 66 8.89 23.86 18.35
C GLY B 66 9.02 23.72 16.85
N LEU B 67 8.30 24.57 16.10
CA LEU B 67 8.35 24.46 14.65
C LEU B 67 9.70 24.91 14.09
N VAL B 68 10.34 25.92 14.71
CA VAL B 68 11.64 26.34 14.20
C VAL B 68 12.69 25.28 14.51
N LEU B 69 12.58 24.62 15.66
CA LEU B 69 13.48 23.51 15.96
C LEU B 69 13.24 22.35 15.00
N ALA B 70 11.97 22.09 14.66
CA ALA B 70 11.67 21.07 13.67
C ALA B 70 12.30 21.41 12.32
N SER B 71 12.21 22.68 11.91
CA SER B 71 12.77 23.08 10.62
C SER B 71 14.28 22.91 10.61
N ILE B 72 14.96 23.36 11.68
CA ILE B 72 16.42 23.27 11.67
C ILE B 72 16.88 21.83 11.81
N VAL B 73 16.13 20.99 12.54
CA VAL B 73 16.54 19.59 12.65
C VAL B 73 16.29 18.86 11.33
N THR B 74 15.23 19.22 10.62
CA THR B 74 15.02 18.66 9.29
C THR B 74 16.15 19.09 8.35
N TRP B 75 16.58 20.35 8.46
CA TRP B 75 17.66 20.82 7.58
C TRP B 75 18.97 20.12 7.87
N THR B 76 19.32 19.94 9.14
CA THR B 76 20.59 19.29 9.45
C THR B 76 20.53 17.80 9.13
N ILE B 77 19.37 17.16 9.32
CA ILE B 77 19.23 15.77 8.91
C ILE B 77 19.35 15.67 7.38
N LEU B 78 18.75 16.62 6.67
CA LEU B 78 18.90 16.70 5.22
C LEU B 78 20.36 16.75 4.83
N PHE B 79 21.11 17.68 5.41
CA PHE B 79 22.51 17.85 5.05
C PHE B 79 23.31 16.58 5.35
N ALA B 80 23.19 16.07 6.57
CA ALA B 80 23.98 14.91 6.98
C ALA B 80 23.63 13.69 6.14
N LYS B 81 22.34 13.37 6.04
CA LYS B 81 21.94 12.19 5.29
C LYS B 81 22.26 12.33 3.81
N GLY B 82 22.18 13.55 3.25
CA GLY B 82 22.54 13.73 1.86
C GLY B 82 24.02 13.48 1.63
N SER B 83 24.87 14.03 2.50
CA SER B 83 26.30 13.73 2.39
C SER B 83 26.56 12.23 2.52
N GLU B 84 25.89 11.59 3.48
CA GLU B 84 26.10 10.16 3.69
C GLU B 84 25.68 9.34 2.48
N LEU B 85 24.52 9.65 1.91
CA LEU B 85 24.04 8.89 0.77
C LEU B 85 24.87 9.17 -0.47
N LEU B 86 25.36 10.39 -0.65
CA LEU B 86 26.24 10.68 -1.77
C LEU B 86 27.52 9.88 -1.66
N ARG B 87 28.14 9.89 -0.47
CA ARG B 87 29.33 9.07 -0.26
C ARG B 87 29.04 7.60 -0.52
N ALA B 88 27.91 7.11 -0.02
CA ALA B 88 27.57 5.69 -0.15
C ALA B 88 27.37 5.31 -1.61
N LYS B 89 26.64 6.14 -2.36
CA LYS B 89 26.38 5.81 -3.77
C LYS B 89 27.64 5.93 -4.61
N ARG B 90 28.51 6.89 -4.30
CA ARG B 90 29.78 6.98 -5.00
C ARG B 90 30.62 5.73 -4.76
N ARG B 91 30.76 5.34 -3.49
CA ARG B 91 31.53 4.14 -3.17
C ARG B 91 30.92 2.91 -3.81
N LEU B 92 29.60 2.80 -3.80
CA LEU B 92 28.94 1.64 -4.38
C LEU B 92 29.16 1.58 -5.89
N ARG B 93 29.04 2.72 -6.57
CA ARG B 93 29.28 2.75 -8.01
C ARG B 93 30.72 2.36 -8.33
N ARG B 94 31.67 2.92 -7.58
CA ARG B 94 33.08 2.61 -7.81
C ARG B 94 33.33 1.12 -7.61
N GLU B 95 32.82 0.55 -6.52
CA GLU B 95 33.03 -0.87 -6.24
C GLU B 95 32.32 -1.76 -7.25
N GLN B 96 31.17 -1.33 -7.76
CA GLN B 96 30.46 -2.11 -8.76
C GLN B 96 31.23 -2.13 -10.08
N LEU B 97 31.70 -0.97 -10.52
CA LEU B 97 32.52 -0.93 -11.73
C LEU B 97 33.85 -1.64 -11.54
N ALA B 98 34.32 -1.77 -10.30
CA ALA B 98 35.56 -2.52 -10.06
C ALA B 98 35.32 -4.02 -10.02
N LEU B 99 34.17 -4.47 -9.54
CA LEU B 99 33.86 -5.88 -9.39
C LEU B 99 33.01 -6.44 -10.53
N ALA B 100 32.71 -5.63 -11.54
CA ALA B 100 31.88 -6.11 -12.65
C ALA B 100 32.53 -7.26 -13.42
N GLU B 101 33.84 -7.44 -13.28
CA GLU B 101 34.56 -8.52 -13.95
C GLU B 101 34.81 -9.70 -13.02
N ALA B 102 33.87 -9.98 -12.12
CA ALA B 102 34.04 -11.08 -11.18
C ALA B 102 33.98 -12.42 -11.89
N ARG B 103 34.73 -13.38 -11.37
CA ARG B 103 34.73 -14.74 -11.90
C ARG B 103 34.55 -15.76 -10.78
N SER B 104 34.93 -15.38 -9.56
CA SER B 104 34.79 -16.25 -8.40
C SER B 104 34.83 -15.40 -7.14
N LEU B 105 34.46 -16.02 -6.01
CA LEU B 105 34.38 -15.28 -4.75
C LEU B 105 35.75 -14.86 -4.25
N ASP B 106 36.79 -15.67 -4.50
CA ASP B 106 38.12 -15.31 -4.03
C ASP B 106 38.63 -14.07 -4.74
N GLU B 107 38.40 -13.97 -6.06
CA GLU B 107 38.78 -12.76 -6.78
C GLU B 107 37.96 -11.57 -6.32
N ALA B 108 36.69 -11.79 -5.98
CA ALA B 108 35.86 -10.72 -5.44
C ALA B 108 36.44 -10.19 -4.14
N SER B 109 36.83 -11.10 -3.24
CA SER B 109 37.43 -10.68 -1.98
C SER B 109 38.75 -9.97 -2.21
N GLU B 110 39.55 -10.44 -3.17
CA GLU B 110 40.82 -9.79 -3.47
C GLU B 110 40.60 -8.37 -3.95
N LEU B 111 39.70 -8.18 -4.91
CA LEU B 111 39.41 -6.84 -5.41
C LEU B 111 38.68 -5.98 -4.40
N ALA B 112 38.07 -6.59 -3.38
CA ALA B 112 37.31 -5.84 -2.39
C ALA B 112 38.15 -5.43 -1.18
N GLN B 113 39.24 -6.15 -0.89
CA GLN B 113 40.04 -5.80 0.27
C GLN B 113 40.55 -4.36 0.21
N ASN B 114 40.75 -3.82 -0.99
CA ASN B 114 41.21 -2.46 -1.15
C ASN B 114 40.12 -1.43 -0.89
N PHE B 115 38.88 -1.85 -0.64
CA PHE B 115 37.79 -0.91 -0.42
C PHE B 115 38.00 -0.18 0.91
N SER B 116 37.23 0.89 1.09
CA SER B 116 37.26 1.62 2.34
C SER B 116 36.62 0.78 3.46
N PRO B 117 37.10 0.91 4.69
CA PRO B 117 36.49 0.16 5.80
C PRO B 117 35.01 0.47 5.99
N GLU B 118 34.55 1.64 5.57
CA GLU B 118 33.14 2.02 5.66
C GLU B 118 32.40 1.66 4.37
N SER B 119 32.51 0.40 3.96
CA SER B 119 31.89 -0.09 2.73
C SER B 119 30.84 -1.13 3.10
N VAL B 120 29.58 -0.87 2.74
CA VAL B 120 28.52 -1.83 3.02
C VAL B 120 28.68 -3.08 2.16
N SER B 121 29.10 -2.91 0.91
CA SER B 121 29.33 -4.08 0.05
C SER B 121 30.42 -4.96 0.63
N ALA B 122 31.44 -4.35 1.25
CA ALA B 122 32.49 -5.12 1.88
C ALA B 122 31.94 -6.00 3.00
N VAL B 123 31.08 -5.43 3.86
CA VAL B 123 30.56 -6.22 4.96
C VAL B 123 29.57 -7.27 4.46
N LEU B 124 28.87 -6.98 3.36
CA LEU B 124 27.99 -7.99 2.77
C LEU B 124 28.80 -9.19 2.27
N LEU B 125 29.86 -8.93 1.52
CA LEU B 125 30.66 -10.05 1.01
C LEU B 125 31.41 -10.74 2.14
N ASN B 126 31.76 -10.01 3.21
CA ASN B 126 32.37 -10.64 4.37
C ASN B 126 31.39 -11.57 5.07
N ASP B 127 30.13 -11.14 5.20
CA ASP B 127 29.10 -12.01 5.78
C ASP B 127 28.90 -13.25 4.92
N ALA B 128 28.85 -13.06 3.60
CA ALA B 128 28.73 -14.21 2.71
C ALA B 128 29.90 -15.16 2.88
N GLN B 129 31.12 -14.61 2.98
CA GLN B 129 32.31 -15.46 3.09
C GLN B 129 32.32 -16.23 4.41
N ASN B 130 32.01 -15.57 5.53
CA ASN B 130 32.00 -16.30 6.79
C ASN B 130 30.85 -17.29 6.86
N GLU B 131 29.73 -17.01 6.19
CA GLU B 131 28.65 -17.98 6.14
C GLU B 131 29.07 -19.20 5.33
N LEU B 132 29.78 -19.00 4.22
CA LEU B 132 30.32 -20.13 3.47
C LEU B 132 31.31 -20.92 4.31
N GLU B 133 32.15 -20.21 5.07
CA GLU B 133 33.11 -20.88 5.95
C GLU B 133 32.40 -21.73 6.99
N LEU B 134 31.33 -21.20 7.59
CA LEU B 134 30.58 -21.96 8.59
C LEU B 134 29.87 -23.15 7.96
N SER B 135 29.29 -22.97 6.78
CA SER B 135 28.57 -24.04 6.10
C SER B 135 29.50 -25.01 5.37
N ALA B 136 30.81 -24.77 5.41
CA ALA B 136 31.76 -25.68 4.78
C ALA B 136 31.69 -27.06 5.43
N GLU B 137 32.39 -28.02 4.80
CA GLU B 137 32.38 -29.42 5.21
C GLU B 137 30.97 -30.00 5.15
N SER B 138 30.36 -29.86 3.98
CA SER B 138 29.02 -30.38 3.73
C SER B 138 28.81 -30.45 2.23
N ASN B 139 27.60 -30.82 1.82
CA ASN B 139 27.26 -30.92 0.42
C ASN B 139 25.87 -30.37 0.11
N ASP B 140 25.28 -29.59 1.01
CA ASP B 140 23.96 -29.01 0.80
C ASP B 140 24.11 -27.73 -0.04
N ASN B 141 24.43 -27.93 -1.31
CA ASN B 141 24.68 -26.81 -2.22
C ASN B 141 23.50 -25.86 -2.26
N ASN B 142 22.33 -26.37 -2.65
CA ASN B 142 21.14 -25.54 -2.68
C ASN B 142 20.80 -25.00 -1.29
N GLY B 143 20.95 -25.83 -0.25
CA GLY B 143 20.68 -25.37 1.09
C GLY B 143 21.60 -24.24 1.52
N ILE B 144 22.90 -24.40 1.24
CA ILE B 144 23.87 -23.36 1.58
C ILE B 144 23.55 -22.07 0.84
N LYS B 145 23.30 -22.17 -0.46
CA LYS B 145 23.06 -20.95 -1.24
C LYS B 145 21.78 -20.26 -0.80
N GLU B 146 20.75 -21.03 -0.44
CA GLU B 146 19.50 -20.41 -0.03
C GLU B 146 19.60 -19.80 1.37
N ARG B 147 20.36 -20.43 2.28
CA ARG B 147 20.51 -19.84 3.60
C ARG B 147 21.35 -18.56 3.54
N THR B 148 22.40 -18.56 2.70
CA THR B 148 23.14 -17.32 2.50
C THR B 148 22.27 -16.26 1.84
N GLY B 149 21.43 -16.65 0.89
CA GLY B 149 20.53 -15.69 0.29
C GLY B 149 19.58 -15.07 1.30
N PHE B 150 19.02 -15.90 2.19
CA PHE B 150 18.11 -15.37 3.19
C PHE B 150 18.82 -14.46 4.18
N ARG B 151 20.02 -14.85 4.62
CA ARG B 151 20.77 -14.00 5.53
C ARG B 151 21.14 -12.68 4.86
N LEU B 152 21.46 -12.73 3.56
CA LEU B 152 21.77 -11.50 2.83
C LEU B 152 20.55 -10.62 2.70
N GLU B 153 19.38 -11.21 2.45
CA GLU B 153 18.15 -10.43 2.42
C GLU B 153 17.92 -9.73 3.76
N ARG B 154 18.07 -10.46 4.86
CA ARG B 154 17.86 -9.86 6.17
C ARG B 154 18.88 -8.76 6.43
N ARG B 155 20.14 -8.99 6.04
CA ARG B 155 21.18 -7.99 6.29
C ARG B 155 20.95 -6.72 5.48
N VAL B 156 20.55 -6.87 4.21
CA VAL B 156 20.30 -5.68 3.40
C VAL B 156 19.03 -4.97 3.87
N ALA B 157 18.05 -5.71 4.38
CA ALA B 157 16.87 -5.08 4.96
C ALA B 157 17.26 -4.23 6.18
N ALA B 158 18.10 -4.79 7.05
CA ALA B 158 18.56 -4.04 8.21
C ALA B 158 19.39 -2.83 7.79
N TYR B 159 20.24 -3.00 6.78
CA TYR B 159 21.06 -1.88 6.32
C TYR B 159 20.20 -0.77 5.71
N SER B 160 19.15 -1.14 5.00
CA SER B 160 18.26 -0.13 4.44
C SER B 160 17.44 0.55 5.53
N ARG B 161 17.06 -0.20 6.57
CA ARG B 161 16.25 0.40 7.62
C ARG B 161 17.06 1.31 8.52
N ASN B 162 18.36 1.03 8.69
CA ASN B 162 19.19 1.92 9.49
C ASN B 162 19.78 3.06 8.67
N MET B 163 20.09 2.83 7.40
CA MET B 163 20.52 3.91 6.52
C MET B 163 19.40 4.92 6.31
N GLY B 164 18.25 4.44 5.83
CA GLY B 164 17.08 5.28 5.74
C GLY B 164 16.35 5.36 7.06
N ARG B 165 16.97 6.02 8.03
CA ARG B 165 16.40 6.13 9.37
C ARG B 165 15.62 7.43 9.54
N GLY B 166 16.20 8.55 9.14
CA GLY B 166 15.54 9.84 9.29
C GLY B 166 14.31 10.04 8.43
N ASN B 167 13.97 9.08 7.57
CA ASN B 167 12.80 9.22 6.72
C ASN B 167 11.53 9.40 7.56
N GLY B 168 11.25 8.44 8.43
CA GLY B 168 10.11 8.57 9.32
C GLY B 168 10.23 9.76 10.26
N PHE B 169 11.46 10.11 10.64
CA PHE B 169 11.67 11.32 11.43
C PHE B 169 11.07 12.54 10.75
N LEU B 170 11.56 12.86 9.55
CA LEU B 170 11.03 14.01 8.82
C LEU B 170 9.56 13.83 8.48
N ALA B 171 9.11 12.59 8.26
CA ALA B 171 7.70 12.35 7.96
C ALA B 171 6.82 12.81 9.11
N THR B 172 7.06 12.29 10.32
CA THR B 172 6.26 12.69 11.46
C THR B 172 6.49 14.15 11.81
N ILE B 173 7.68 14.68 11.55
CA ILE B 173 7.94 16.09 11.86
C ILE B 173 7.06 16.99 11.01
N GLY B 174 7.09 16.79 9.68
CA GLY B 174 6.24 17.54 8.79
C GLY B 174 4.76 17.23 8.95
N ALA B 175 4.43 16.08 9.53
CA ALA B 175 3.03 15.80 9.80
C ALA B 175 2.51 16.55 11.02
N ILE B 176 3.32 16.62 12.09
CA ILE B 176 2.85 17.24 13.33
C ILE B 176 3.03 18.76 13.28
N SER B 177 3.93 19.27 12.44
CA SER B 177 4.12 20.72 12.37
C SER B 177 2.82 21.47 12.08
N PRO B 178 2.02 21.12 11.07
CA PRO B 178 0.74 21.80 10.91
C PRO B 178 -0.19 21.55 12.06
N PHE B 179 -0.09 20.38 12.71
CA PHE B 179 -0.96 20.11 13.85
C PHE B 179 -0.69 21.08 14.99
N VAL B 180 0.58 21.27 15.35
CA VAL B 180 0.88 22.17 16.46
C VAL B 180 0.64 23.63 16.05
N GLY B 181 0.89 23.97 14.78
CA GLY B 181 0.52 25.31 14.32
C GLY B 181 -0.97 25.56 14.43
N LEU B 182 -1.77 24.55 14.09
CA LEU B 182 -3.23 24.68 14.20
C LEU B 182 -3.67 24.78 15.64
N PHE B 183 -3.03 24.02 16.53
CA PHE B 183 -3.33 24.15 17.96
C PHE B 183 -3.01 25.55 18.45
N GLY B 184 -1.87 26.10 18.02
CA GLY B 184 -1.52 27.44 18.42
C GLY B 184 -2.51 28.49 17.94
N THR B 185 -2.93 28.38 16.67
CA THR B 185 -3.85 29.39 16.14
C THR B 185 -5.22 29.26 16.78
N VAL B 186 -5.67 28.04 17.08
CA VAL B 186 -6.99 27.93 17.71
C VAL B 186 -6.93 28.39 19.16
N TRP B 187 -5.79 28.19 19.83
CA TRP B 187 -5.66 28.72 21.18
C TRP B 187 -5.65 30.24 21.17
N GLY B 188 -4.94 30.85 20.20
CA GLY B 188 -5.00 32.29 20.07
C GLY B 188 -6.38 32.80 19.75
N ILE B 189 -7.12 32.06 18.93
CA ILE B 189 -8.50 32.43 18.62
C ILE B 189 -9.37 32.38 19.86
N MET B 190 -9.22 31.33 20.67
CA MET B 190 -10.01 31.24 21.90
C MET B 190 -9.62 32.31 22.89
N ASN B 191 -8.34 32.70 22.92
CA ASN B 191 -7.91 33.80 23.79
C ASN B 191 -8.55 35.11 23.36
N SER B 192 -8.51 35.40 22.06
CA SER B 192 -9.16 36.61 21.55
C SER B 192 -10.66 36.59 21.82
N PHE B 193 -11.28 35.41 21.70
CA PHE B 193 -12.72 35.31 21.88
C PHE B 193 -13.10 35.53 23.35
N ILE B 194 -12.36 34.94 24.28
CA ILE B 194 -12.67 35.18 25.69
C ILE B 194 -12.34 36.62 26.07
N GLY B 195 -11.36 37.24 25.39
CA GLY B 195 -11.10 38.65 25.63
C GLY B 195 -12.23 39.54 25.17
N ILE B 196 -12.79 39.26 24.00
CA ILE B 196 -13.96 40.01 23.54
C ILE B 196 -15.16 39.71 24.42
N ALA B 197 -15.24 38.50 24.97
CA ALA B 197 -16.31 38.18 25.91
C ALA B 197 -16.17 38.97 27.20
N HIS B 198 -14.93 39.23 27.64
CA HIS B 198 -14.72 40.08 28.80
C HIS B 198 -15.13 41.52 28.51
N SER B 199 -14.50 42.14 27.51
CA SER B 199 -14.86 43.48 27.06
C SER B 199 -15.52 43.35 25.69
N GLN B 200 -16.81 43.62 25.64
CA GLN B 200 -17.61 43.38 24.43
C GLN B 200 -17.22 44.41 23.37
N THR B 201 -16.31 44.01 22.48
CA THR B 201 -15.81 44.87 21.41
C THR B 201 -16.35 44.37 20.07
N THR B 202 -17.18 45.18 19.43
CA THR B 202 -17.70 44.89 18.10
C THR B 202 -16.88 45.52 16.99
N ASN B 203 -15.76 46.14 17.32
CA ASN B 203 -14.91 46.79 16.33
C ASN B 203 -14.02 45.74 15.64
N LEU B 204 -13.06 46.21 14.85
CA LEU B 204 -12.15 45.34 14.14
C LEU B 204 -10.68 45.63 14.40
N ALA B 205 -10.35 46.71 15.11
CA ALA B 205 -8.95 47.09 15.30
C ALA B 205 -8.18 46.03 16.07
N VAL B 206 -8.58 45.79 17.33
CA VAL B 206 -7.88 44.83 18.17
C VAL B 206 -8.06 43.41 17.65
N VAL B 207 -9.11 43.17 16.86
CA VAL B 207 -9.32 41.84 16.29
C VAL B 207 -8.21 41.48 15.32
N ALA B 208 -7.53 42.48 14.75
CA ALA B 208 -6.59 42.21 13.67
C ALA B 208 -5.28 41.59 14.16
N PRO B 209 -4.56 42.15 15.14
CA PRO B 209 -3.22 41.60 15.45
C PRO B 209 -3.27 40.21 16.06
N GLY B 210 -4.31 39.87 16.84
CA GLY B 210 -4.38 38.54 17.40
C GLY B 210 -4.53 37.47 16.34
N ILE B 211 -5.53 37.63 15.47
CA ILE B 211 -5.71 36.68 14.38
C ILE B 211 -4.52 36.72 13.43
N ALA B 212 -3.84 37.87 13.36
CA ALA B 212 -2.65 37.95 12.51
C ALA B 212 -1.53 37.07 13.05
N GLU B 213 -1.28 37.13 14.35
CA GLU B 213 -0.29 36.24 14.96
C GLU B 213 -0.74 34.78 14.87
N ALA B 214 -2.05 34.54 14.94
CA ALA B 214 -2.55 33.17 14.77
C ALA B 214 -2.20 32.64 13.38
N LEU B 215 -2.54 33.38 12.33
CA LEU B 215 -2.19 32.96 10.98
C LEU B 215 -0.69 32.93 10.77
N LEU B 216 0.06 33.74 11.54
CA LEU B 216 1.52 33.63 11.51
C LEU B 216 1.97 32.26 11.99
N ALA B 217 1.39 31.80 13.10
CA ALA B 217 1.70 30.45 13.59
C ALA B 217 1.32 29.40 12.54
N THR B 218 0.16 29.57 11.90
CA THR B 218 -0.25 28.65 10.85
C THR B 218 0.78 28.60 9.72
N ALA B 219 1.16 29.78 9.21
CA ALA B 219 2.09 29.85 8.09
C ALA B 219 3.46 29.28 8.48
N MET B 220 3.88 29.51 9.72
CA MET B 220 5.15 28.95 10.16
C MET B 220 5.10 27.44 10.21
N GLY B 221 4.01 26.88 10.76
CA GLY B 221 3.84 25.43 10.72
C GLY B 221 3.84 24.89 9.30
N LEU B 222 3.21 25.62 8.38
CA LEU B 222 3.12 25.14 7.00
C LEU B 222 4.47 25.19 6.30
N VAL B 223 5.25 26.26 6.52
CA VAL B 223 6.58 26.36 5.91
C VAL B 223 7.59 25.51 6.65
N ALA B 224 7.23 24.95 7.80
CA ALA B 224 8.03 23.89 8.40
C ALA B 224 7.64 22.52 7.87
N ALA B 225 6.37 22.35 7.49
CA ALA B 225 5.89 21.06 7.03
C ALA B 225 6.30 20.79 5.58
N ILE B 226 6.09 21.75 4.69
CA ILE B 226 6.35 21.52 3.26
C ILE B 226 7.78 21.08 3.00
N PRO B 227 8.82 21.79 3.48
CA PRO B 227 10.19 21.26 3.27
C PRO B 227 10.38 19.89 3.87
N ALA B 228 9.80 19.65 5.04
CA ALA B 228 9.92 18.33 5.67
C ALA B 228 9.40 17.24 4.76
N VAL B 229 8.18 17.42 4.22
CA VAL B 229 7.57 16.36 3.43
C VAL B 229 8.28 16.20 2.09
N VAL B 230 8.74 17.30 1.49
CA VAL B 230 9.40 17.15 0.19
C VAL B 230 10.76 16.47 0.36
N ILE B 231 11.53 16.84 1.38
CA ILE B 231 12.80 16.17 1.58
C ILE B 231 12.58 14.73 2.02
N TYR B 232 11.48 14.45 2.72
CA TYR B 232 11.16 13.06 3.05
C TYR B 232 10.89 12.25 1.79
N ASN B 233 10.15 12.82 0.84
CA ASN B 233 9.90 12.11 -0.41
C ASN B 233 11.20 11.89 -1.18
N ILE B 234 12.07 12.91 -1.22
CA ILE B 234 13.34 12.78 -1.92
C ILE B 234 14.18 11.68 -1.28
N PHE B 235 14.26 11.67 0.05
CA PHE B 235 15.02 10.64 0.74
C PHE B 235 14.43 9.27 0.50
N ALA B 236 13.10 9.16 0.50
CA ALA B 236 12.47 7.87 0.23
C ALA B 236 12.87 7.35 -1.14
N ARG B 237 12.79 8.22 -2.16
CA ARG B 237 13.16 7.79 -3.51
C ARG B 237 14.64 7.40 -3.59
N VAL B 238 15.51 8.20 -2.97
CA VAL B 238 16.94 7.93 -3.12
C VAL B 238 17.34 6.68 -2.35
N ILE B 239 16.73 6.42 -1.19
CA ILE B 239 17.06 5.20 -0.47
C ILE B 239 16.43 4.00 -1.14
N SER B 240 15.29 4.17 -1.83
CA SER B 240 14.77 3.09 -2.65
C SER B 240 15.77 2.73 -3.75
N GLY B 241 16.30 3.74 -4.43
CA GLY B 241 17.32 3.48 -5.44
C GLY B 241 18.57 2.83 -4.86
N HIS B 242 19.00 3.30 -3.69
CA HIS B 242 20.20 2.75 -3.09
C HIS B 242 20.01 1.31 -2.65
N ARG B 243 18.87 1.00 -2.01
CA ARG B 243 18.59 -0.37 -1.63
C ARG B 243 18.39 -1.25 -2.86
N ALA B 244 17.91 -0.69 -3.96
CA ALA B 244 17.86 -1.44 -5.21
C ALA B 244 19.27 -1.77 -5.69
N GLN B 245 20.20 -0.82 -5.59
CA GLN B 245 21.58 -1.09 -5.96
C GLN B 245 22.19 -2.16 -5.06
N VAL B 246 21.88 -2.12 -3.76
CA VAL B 246 22.36 -3.15 -2.86
C VAL B 246 21.75 -4.50 -3.23
N GLY B 247 20.49 -4.50 -3.66
CA GLY B 247 19.90 -5.73 -4.15
C GLY B 247 20.61 -6.25 -5.40
N ASP B 248 21.04 -5.34 -6.27
CA ASP B 248 21.78 -5.75 -7.45
C ASP B 248 23.11 -6.38 -7.07
N VAL B 249 23.83 -5.76 -6.14
CA VAL B 249 25.12 -6.33 -5.76
C VAL B 249 24.92 -7.65 -5.00
N ALA B 250 23.81 -7.78 -4.27
CA ALA B 250 23.52 -9.05 -3.60
C ALA B 250 23.20 -10.13 -4.61
N ALA B 251 22.43 -9.81 -5.65
CA ALA B 251 22.17 -10.77 -6.72
C ALA B 251 23.46 -11.14 -7.42
N GLN B 252 24.36 -10.17 -7.60
CA GLN B 252 25.64 -10.46 -8.23
C GLN B 252 26.44 -11.47 -7.42
N VAL B 253 26.59 -11.21 -6.12
CA VAL B 253 27.38 -12.12 -5.30
C VAL B 253 26.67 -13.48 -5.17
N LEU B 254 25.33 -13.48 -5.18
CA LEU B 254 24.60 -14.74 -5.08
C LEU B 254 24.79 -15.60 -6.33
N LEU B 255 24.65 -15.00 -7.51
CA LEU B 255 24.89 -15.74 -8.74
C LEU B 255 26.35 -16.16 -8.85
N LEU B 256 27.27 -15.35 -8.34
CA LEU B 256 28.67 -15.74 -8.32
C LEU B 256 28.87 -16.98 -7.46
N GLN B 257 28.28 -16.99 -6.26
CA GLN B 257 28.36 -18.15 -5.38
C GLN B 257 27.79 -19.38 -6.07
N GLY B 258 26.59 -19.26 -6.63
CA GLY B 258 25.99 -20.40 -7.31
C GLY B 258 26.84 -20.92 -8.44
N ARG B 259 27.36 -20.01 -9.27
CA ARG B 259 28.16 -20.41 -10.42
C ARG B 259 29.44 -21.10 -9.99
N ASP B 260 30.14 -20.53 -9.01
CA ASP B 260 31.40 -21.14 -8.60
C ASP B 260 31.17 -22.48 -7.94
N LEU B 261 30.12 -22.60 -7.12
CA LEU B 261 29.80 -23.89 -6.52
C LEU B 261 29.49 -24.93 -7.59
N ASP B 262 28.67 -24.56 -8.58
CA ASP B 262 28.33 -25.51 -9.63
C ASP B 262 29.55 -25.94 -10.42
N LEU B 263 30.40 -24.98 -10.81
CA LEU B 263 31.55 -25.34 -11.64
C LEU B 263 32.57 -26.16 -10.84
N ALA B 264 32.76 -25.84 -9.56
CA ALA B 264 33.70 -26.59 -8.75
C ALA B 264 33.16 -27.97 -8.38
N ALA B 265 31.85 -28.16 -8.40
CA ALA B 265 31.28 -29.43 -7.98
C ALA B 265 31.01 -30.38 -9.14
N THR B 266 30.32 -29.92 -10.18
CA THR B 266 29.73 -30.82 -11.17
C THR B 266 30.75 -31.74 -11.81
N ALA B 267 31.69 -31.18 -12.58
CA ALA B 267 32.62 -31.98 -13.35
C ALA B 267 33.45 -32.88 -12.46
N GLU B 268 34.13 -32.29 -11.47
CA GLU B 268 35.00 -33.02 -10.56
C GLU B 268 34.25 -34.17 -9.89
N ALA B 269 33.17 -33.85 -9.17
CA ALA B 269 32.41 -34.86 -8.46
C ALA B 269 31.93 -35.97 -9.39
N LYS B 270 31.31 -35.59 -10.52
CA LYS B 270 30.75 -36.60 -11.41
C LYS B 270 31.83 -37.54 -11.92
N ARG B 271 32.94 -37.01 -12.45
CA ARG B 271 33.93 -37.90 -13.04
C ARG B 271 34.63 -38.74 -11.97
N SER B 272 34.99 -38.12 -10.84
CA SER B 272 35.72 -38.84 -9.82
C SER B 272 34.87 -39.94 -9.20
N GLN B 273 33.64 -39.62 -8.79
CA GLN B 273 32.78 -40.64 -8.20
C GLN B 273 32.39 -41.70 -9.21
N HIS B 274 32.16 -41.32 -10.47
CA HIS B 274 31.89 -42.27 -11.53
C HIS B 274 33.01 -43.29 -11.58
N ALA B 275 34.24 -42.83 -11.84
CA ALA B 275 35.39 -43.70 -11.89
C ALA B 275 35.47 -44.59 -10.65
N HIS B 276 35.53 -43.95 -9.48
CA HIS B 276 35.71 -44.62 -8.21
C HIS B 276 34.69 -45.74 -7.98
N GLN B 277 33.41 -45.40 -7.93
CA GLN B 277 32.40 -46.37 -7.51
C GLN B 277 31.79 -47.16 -8.67
N LEU B 278 32.25 -46.96 -9.89
CA LEU B 278 31.83 -47.85 -10.96
C LEU B 278 32.98 -48.67 -11.51
N ARG B 279 34.19 -48.48 -10.98
CA ARG B 279 35.23 -49.49 -11.05
C ARG B 279 35.34 -50.28 -9.75
N ALA B 280 34.84 -49.72 -8.64
CA ALA B 280 34.79 -50.44 -7.37
C ALA B 280 33.37 -50.82 -6.97
N GLY B 281 32.44 -50.86 -7.91
CA GLY B 281 31.06 -51.23 -7.61
C GLY B 281 30.45 -52.20 -8.60
N ASP C 46 -16.02 30.31 33.70
CA ASP C 46 -16.87 29.29 33.10
C ASP C 46 -16.49 29.05 31.64
N LEU C 47 -15.45 29.74 31.19
CA LEU C 47 -15.03 29.65 29.79
C LEU C 47 -14.01 28.56 29.56
N SER C 48 -13.05 28.40 30.48
CA SER C 48 -11.99 27.41 30.31
C SER C 48 -12.55 26.00 30.58
N ILE C 49 -11.64 25.02 30.55
CA ILE C 49 -12.04 23.62 30.66
C ILE C 49 -12.65 23.33 32.02
N TRP C 50 -12.23 24.03 33.06
CA TRP C 50 -12.78 23.81 34.39
C TRP C 50 -14.16 24.42 34.58
N GLY C 51 -14.64 25.21 33.63
CA GLY C 51 -15.94 25.84 33.76
C GLY C 51 -16.81 25.71 32.52
N MET C 52 -16.24 25.26 31.41
CA MET C 52 -17.03 25.05 30.20
C MET C 52 -17.98 23.88 30.36
N TYR C 53 -17.61 22.87 31.15
CA TYR C 53 -18.49 21.74 31.37
C TYR C 53 -19.75 22.15 32.12
N GLN C 54 -19.68 23.22 32.91
CA GLN C 54 -20.86 23.70 33.64
C GLN C 54 -21.98 24.07 32.68
N HIS C 55 -21.72 25.06 31.82
CA HIS C 55 -22.69 25.47 30.81
C HIS C 55 -22.60 24.62 29.55
N ALA C 56 -21.92 23.49 29.61
CA ALA C 56 -21.83 22.60 28.46
C ALA C 56 -23.21 22.01 28.15
N ASP C 57 -23.52 21.92 26.86
CA ASP C 57 -24.75 21.28 26.43
C ASP C 57 -24.61 19.76 26.54
N ALA C 58 -25.61 19.05 26.03
CA ALA C 58 -25.55 17.59 25.99
C ALA C 58 -24.38 17.14 25.11
N VAL C 59 -24.41 17.55 23.84
CA VAL C 59 -23.40 17.07 22.90
C VAL C 59 -22.03 17.69 23.19
N VAL C 60 -22.00 18.90 23.75
CA VAL C 60 -20.72 19.51 24.10
C VAL C 60 -19.98 18.66 25.12
N LYS C 61 -20.63 18.41 26.26
CA LYS C 61 -20.01 17.58 27.30
C LYS C 61 -19.81 16.16 26.81
N ALA C 62 -20.69 15.66 25.93
CA ALA C 62 -20.54 14.31 25.42
C ALA C 62 -19.24 14.18 24.61
N VAL C 63 -19.06 15.05 23.62
CA VAL C 63 -17.86 14.97 22.79
C VAL C 63 -16.63 15.33 23.60
N MET C 64 -16.78 16.20 24.62
CA MET C 64 -15.64 16.54 25.47
C MET C 64 -15.17 15.33 26.26
N ILE C 65 -16.12 14.61 26.88
CA ILE C 65 -15.77 13.38 27.60
C ILE C 65 -15.17 12.37 26.64
N GLY C 66 -15.73 12.26 25.43
CA GLY C 66 -15.19 11.33 24.45
C GLY C 66 -13.75 11.64 24.11
N LEU C 67 -13.44 12.92 23.86
CA LEU C 67 -12.08 13.27 23.44
C LEU C 67 -11.10 13.18 24.59
N VAL C 68 -11.52 13.52 25.81
CA VAL C 68 -10.58 13.40 26.92
C VAL C 68 -10.33 11.93 27.24
N LEU C 69 -11.36 11.08 27.08
CA LEU C 69 -11.15 9.65 27.23
C LEU C 69 -10.21 9.13 26.16
N ALA C 70 -10.37 9.61 24.92
CA ALA C 70 -9.43 9.24 23.87
C ALA C 70 -8.01 9.64 24.23
N SER C 71 -7.83 10.86 24.72
CA SER C 71 -6.49 11.33 25.07
C SER C 71 -5.88 10.47 26.15
N ILE C 72 -6.62 10.21 27.23
CA ILE C 72 -6.06 9.45 28.33
C ILE C 72 -5.84 8.00 27.94
N VAL C 73 -6.69 7.44 27.08
CA VAL C 73 -6.51 6.04 26.70
C VAL C 73 -5.31 5.89 25.77
N THR C 74 -5.10 6.86 24.88
CA THR C 74 -3.89 6.80 24.05
C THR C 74 -2.63 7.04 24.89
N TRP C 75 -2.70 7.92 25.89
CA TRP C 75 -1.54 8.12 26.75
C TRP C 75 -1.22 6.86 27.54
N THR C 76 -2.23 6.21 28.10
CA THR C 76 -2.01 4.98 28.86
C THR C 76 -1.51 3.86 27.96
N ILE C 77 -2.07 3.75 26.75
CA ILE C 77 -1.61 2.74 25.80
C ILE C 77 -0.16 2.99 25.43
N LEU C 78 0.18 4.24 25.11
CA LEU C 78 1.57 4.60 24.85
C LEU C 78 2.46 4.14 26.00
N PHE C 79 2.17 4.61 27.21
CA PHE C 79 3.02 4.28 28.35
C PHE C 79 3.18 2.78 28.50
N ALA C 80 2.07 2.05 28.69
CA ALA C 80 2.15 0.63 28.99
C ALA C 80 2.77 -0.15 27.84
N LYS C 81 2.23 0.00 26.63
CA LYS C 81 2.71 -0.78 25.49
C LYS C 81 4.16 -0.47 25.17
N GLY C 82 4.54 0.81 25.15
CA GLY C 82 5.92 1.15 24.85
C GLY C 82 6.88 0.68 25.92
N SER C 83 6.47 0.73 27.19
CA SER C 83 7.32 0.22 28.25
C SER C 83 7.52 -1.28 28.10
N GLU C 84 6.43 -2.01 27.87
CA GLU C 84 6.53 -3.45 27.64
C GLU C 84 7.42 -3.75 26.43
N LEU C 85 7.29 -2.95 25.38
CA LEU C 85 8.05 -3.20 24.16
C LEU C 85 9.54 -2.93 24.37
N LEU C 86 9.88 -1.83 25.06
CA LEU C 86 11.29 -1.54 25.30
C LEU C 86 11.90 -2.55 26.28
N ARG C 87 11.12 -3.03 27.25
CA ARG C 87 11.64 -4.07 28.14
C ARG C 87 11.89 -5.36 27.37
N ALA C 88 10.94 -5.76 26.52
CA ALA C 88 11.17 -6.92 25.67
C ALA C 88 12.32 -6.69 24.70
N LYS C 89 12.56 -5.43 24.34
CA LYS C 89 13.69 -5.13 23.46
C LYS C 89 15.01 -5.34 24.18
N ARG C 90 15.12 -4.87 25.43
CA ARG C 90 16.29 -5.18 26.24
C ARG C 90 16.46 -6.69 26.38
N ARG C 91 15.35 -7.40 26.60
CA ARG C 91 15.39 -8.85 26.74
C ARG C 91 15.94 -9.52 25.50
N LEU C 92 15.37 -9.20 24.34
CA LEU C 92 15.84 -9.81 23.09
C LEU C 92 17.24 -9.35 22.72
N ARG C 93 17.63 -8.15 23.15
CA ARG C 93 19.00 -7.70 22.93
C ARG C 93 19.98 -8.59 23.68
N ARG C 94 19.73 -8.79 24.97
CA ARG C 94 20.55 -9.74 25.73
C ARG C 94 20.50 -11.13 25.10
N GLU C 95 19.32 -11.51 24.59
CA GLU C 95 19.16 -12.83 23.99
C GLU C 95 20.07 -13.00 22.78
N GLN C 96 20.01 -12.06 21.83
CA GLN C 96 20.82 -12.18 20.63
C GLN C 96 22.29 -11.94 20.93
N LEU C 97 22.60 -11.19 21.98
CA LEU C 97 23.99 -11.08 22.42
C LEU C 97 24.52 -12.41 22.90
N ALA C 98 23.73 -13.14 23.68
CA ALA C 98 24.14 -14.47 24.12
C ALA C 98 24.18 -15.46 22.97
N LEU C 99 23.24 -15.34 22.02
CA LEU C 99 23.16 -16.25 20.88
C LEU C 99 24.17 -15.93 19.80
N ALA C 100 24.86 -14.79 19.87
CA ALA C 100 25.89 -14.47 18.90
C ALA C 100 27.03 -15.48 18.94
N GLU C 101 27.25 -16.12 20.09
CA GLU C 101 28.26 -17.16 20.23
C GLU C 101 27.66 -18.56 20.20
N ALA C 102 26.42 -18.70 19.75
CA ALA C 102 25.78 -20.00 19.62
C ALA C 102 26.04 -20.52 18.22
N ARG C 103 26.84 -21.59 18.11
CA ARG C 103 27.24 -22.16 16.83
C ARG C 103 26.85 -23.63 16.73
N SER C 104 25.73 -24.00 17.34
CA SER C 104 25.25 -25.38 17.33
C SER C 104 23.79 -25.39 17.77
N LEU C 105 23.22 -26.60 17.83
CA LEU C 105 21.87 -26.80 18.30
C LEU C 105 21.82 -27.08 19.80
N ASP C 106 22.56 -28.10 20.23
CA ASP C 106 22.55 -28.47 21.65
C ASP C 106 23.14 -27.36 22.52
N GLU C 107 24.15 -26.65 22.03
CA GLU C 107 24.68 -25.52 22.78
C GLU C 107 23.65 -24.40 22.88
N ALA C 108 22.89 -24.18 21.81
CA ALA C 108 21.82 -23.19 21.86
C ALA C 108 20.76 -23.57 22.88
N SER C 109 20.39 -24.85 22.93
CA SER C 109 19.41 -25.29 23.92
C SER C 109 19.97 -25.20 25.33
N GLU C 110 21.24 -25.53 25.51
CA GLU C 110 21.86 -25.43 26.83
C GLU C 110 21.93 -23.98 27.30
N LEU C 111 22.14 -23.04 26.39
CA LEU C 111 22.11 -21.63 26.76
C LEU C 111 20.69 -21.17 27.04
N ALA C 112 19.72 -21.66 26.26
CA ALA C 112 18.33 -21.27 26.46
C ALA C 112 17.72 -21.89 27.71
N GLN C 113 18.37 -22.91 28.28
CA GLN C 113 17.84 -23.55 29.47
C GLN C 113 17.51 -22.56 30.59
N ASN C 114 18.28 -21.47 30.70
CA ASN C 114 18.06 -20.52 31.78
C ASN C 114 17.76 -19.12 31.27
N PHE C 115 16.89 -19.01 30.28
CA PHE C 115 16.54 -17.71 29.73
C PHE C 115 15.45 -17.05 30.59
N SER C 116 14.90 -15.95 30.09
CA SER C 116 13.86 -15.22 30.82
C SER C 116 12.56 -16.03 30.81
N PRO C 117 11.65 -15.74 31.75
CA PRO C 117 10.39 -16.51 31.82
C PRO C 117 9.51 -16.36 30.59
N GLU C 118 9.82 -15.46 29.67
CA GLU C 118 9.00 -15.23 28.48
C GLU C 118 9.85 -15.06 27.23
N SER C 119 11.04 -15.65 27.22
CA SER C 119 11.97 -15.47 26.11
C SER C 119 11.38 -16.03 24.82
N VAL C 120 11.25 -15.16 23.81
CA VAL C 120 10.73 -15.61 22.52
C VAL C 120 11.69 -16.59 21.88
N SER C 121 13.00 -16.40 22.07
CA SER C 121 13.98 -17.33 21.54
C SER C 121 13.78 -18.73 22.11
N ALA C 122 13.41 -18.82 23.40
CA ALA C 122 13.07 -20.11 23.98
C ALA C 122 11.87 -20.72 23.28
N VAL C 123 10.87 -19.90 22.95
CA VAL C 123 9.69 -20.40 22.24
C VAL C 123 10.11 -21.00 20.90
N LEU C 124 10.92 -20.25 20.14
CA LEU C 124 11.33 -20.75 18.82
C LEU C 124 12.19 -22.00 18.93
N LEU C 125 13.07 -22.05 19.92
CA LEU C 125 13.95 -23.21 20.06
C LEU C 125 13.17 -24.46 20.46
N ASN C 126 12.25 -24.35 21.42
CA ASN C 126 11.43 -25.51 21.76
C ASN C 126 10.47 -25.87 20.64
N ASP C 127 10.05 -24.90 19.82
CA ASP C 127 9.27 -25.22 18.64
C ASP C 127 10.06 -26.07 17.67
N ALA C 128 11.30 -25.66 17.37
CA ALA C 128 12.16 -26.46 16.51
C ALA C 128 12.40 -27.84 17.10
N GLN C 129 12.58 -27.91 18.42
CA GLN C 129 12.85 -29.19 19.07
C GLN C 129 11.65 -30.13 18.95
N ASN C 130 10.46 -29.64 19.29
CA ASN C 130 9.28 -30.51 19.24
C ASN C 130 8.93 -30.85 17.79
N GLU C 131 9.27 -29.98 16.84
CA GLU C 131 9.06 -30.29 15.44
C GLU C 131 9.99 -31.41 14.98
N LEU C 132 11.25 -31.36 15.42
CA LEU C 132 12.16 -32.46 15.13
C LEU C 132 11.68 -33.76 15.76
N GLU C 133 11.16 -33.67 17.00
CA GLU C 133 10.62 -34.85 17.67
C GLU C 133 9.45 -35.44 16.89
N LEU C 134 8.52 -34.58 16.47
CA LEU C 134 7.39 -35.01 15.66
C LEU C 134 7.86 -35.66 14.36
N SER C 135 8.56 -34.91 13.53
CA SER C 135 9.08 -35.45 12.27
C SER C 135 10.46 -36.08 12.46
N ALA C 136 10.58 -36.92 13.48
CA ALA C 136 11.76 -37.76 13.66
C ALA C 136 11.58 -39.06 12.88
N GLU C 137 12.66 -39.85 12.84
CA GLU C 137 12.69 -41.12 12.12
C GLU C 137 12.34 -40.96 10.64
N SER C 138 12.66 -39.79 10.09
CA SER C 138 12.36 -39.49 8.68
C SER C 138 13.63 -38.98 8.02
N ASN C 139 13.94 -39.54 6.85
CA ASN C 139 15.12 -39.16 6.10
C ASN C 139 14.85 -38.09 5.04
N ASP C 140 13.62 -37.58 4.98
CA ASP C 140 13.28 -36.47 4.08
C ASP C 140 13.34 -35.19 4.90
N ASN C 141 14.56 -34.74 5.19
CA ASN C 141 14.74 -33.58 6.05
C ASN C 141 14.38 -32.27 5.36
N ASN C 142 14.31 -32.26 4.02
CA ASN C 142 13.95 -31.03 3.31
C ASN C 142 12.53 -30.60 3.66
N GLY C 143 11.58 -31.54 3.62
CA GLY C 143 10.23 -31.23 4.06
C GLY C 143 10.18 -30.83 5.51
N ILE C 144 11.06 -31.40 6.34
CA ILE C 144 11.13 -31.00 7.74
C ILE C 144 11.52 -29.54 7.85
N LYS C 145 12.54 -29.13 7.10
CA LYS C 145 12.96 -27.73 7.10
C LYS C 145 11.85 -26.82 6.59
N GLU C 146 11.11 -27.27 5.57
CA GLU C 146 10.03 -26.45 5.02
C GLU C 146 8.93 -26.26 6.04
N ARG C 147 8.50 -27.35 6.69
CA ARG C 147 7.46 -27.24 7.71
C ARG C 147 7.94 -26.40 8.89
N THR C 148 9.23 -26.50 9.22
CA THR C 148 9.79 -25.67 10.28
C THR C 148 9.71 -24.21 9.92
N GLY C 149 10.11 -23.86 8.70
CA GLY C 149 10.00 -22.48 8.26
C GLY C 149 8.58 -21.99 8.26
N PHE C 150 7.64 -22.84 7.86
CA PHE C 150 6.23 -22.45 7.85
C PHE C 150 5.73 -22.17 9.27
N ARG C 151 5.99 -23.09 10.18
CA ARG C 151 5.55 -22.90 11.57
C ARG C 151 6.21 -21.66 12.17
N LEU C 152 7.48 -21.43 11.83
CA LEU C 152 8.18 -20.28 12.39
C LEU C 152 7.64 -18.98 11.84
N GLU C 153 7.32 -18.93 10.54
CA GLU C 153 6.77 -17.70 10.00
C GLU C 153 5.38 -17.44 10.56
N ARG C 154 4.58 -18.50 10.77
CA ARG C 154 3.29 -18.32 11.40
C ARG C 154 3.45 -17.80 12.84
N ARG C 155 4.40 -18.36 13.58
CA ARG C 155 4.61 -17.95 14.95
C ARG C 155 5.08 -16.51 15.03
N VAL C 156 6.00 -16.10 14.15
CA VAL C 156 6.49 -14.73 14.21
C VAL C 156 5.42 -13.76 13.72
N ALA C 157 4.56 -14.18 12.80
CA ALA C 157 3.44 -13.34 12.40
C ALA C 157 2.48 -13.13 13.56
N ALA C 158 2.16 -14.21 14.28
CA ALA C 158 1.30 -14.08 15.45
C ALA C 158 1.95 -13.21 16.52
N TYR C 159 3.26 -13.35 16.70
CA TYR C 159 3.96 -12.54 17.71
C TYR C 159 3.98 -11.07 17.32
N SER C 160 4.18 -10.77 16.04
CA SER C 160 4.13 -9.39 15.59
C SER C 160 2.72 -8.82 15.71
N ARG C 161 1.70 -9.65 15.51
CA ARG C 161 0.33 -9.20 15.70
C ARG C 161 0.05 -8.89 17.17
N ASN C 162 0.52 -9.75 18.07
CA ASN C 162 0.26 -9.54 19.49
C ASN C 162 1.07 -8.38 20.06
N MET C 163 2.30 -8.17 19.55
CA MET C 163 3.11 -7.06 20.04
C MET C 163 2.49 -5.72 19.64
N GLY C 164 2.23 -5.53 18.35
CA GLY C 164 1.54 -4.35 17.89
C GLY C 164 0.03 -4.53 17.91
N ARG C 165 -0.49 -4.96 19.06
CA ARG C 165 -1.92 -5.22 19.20
C ARG C 165 -2.74 -3.95 19.37
N GLY C 166 -2.11 -2.79 19.43
CA GLY C 166 -2.83 -1.55 19.61
C GLY C 166 -2.51 -0.49 18.59
N ASN C 167 -1.57 -0.80 17.69
CA ASN C 167 -1.19 0.17 16.66
C ASN C 167 -2.38 0.52 15.77
N GLY C 168 -3.20 -0.46 15.43
CA GLY C 168 -4.41 -0.18 14.68
C GLY C 168 -5.35 0.73 15.44
N PHE C 169 -5.45 0.55 16.75
CA PHE C 169 -6.28 1.44 17.55
C PHE C 169 -5.75 2.86 17.53
N LEU C 170 -4.43 3.02 17.66
CA LEU C 170 -3.83 4.35 17.59
C LEU C 170 -4.08 4.99 16.23
N ALA C 171 -3.95 4.21 15.16
CA ALA C 171 -4.22 4.74 13.83
C ALA C 171 -5.66 5.19 13.69
N THR C 172 -6.60 4.35 14.15
CA THR C 172 -8.01 4.72 14.08
C THR C 172 -8.29 5.98 14.86
N ILE C 173 -7.71 6.10 16.07
CA ILE C 173 -7.95 7.28 16.89
C ILE C 173 -7.42 8.53 16.20
N GLY C 174 -6.17 8.47 15.74
CA GLY C 174 -5.59 9.60 15.03
C GLY C 174 -6.30 9.94 13.74
N ALA C 175 -7.01 8.98 13.15
CA ALA C 175 -7.76 9.27 11.94
C ALA C 175 -9.11 9.89 12.23
N ILE C 176 -9.80 9.42 13.28
CA ILE C 176 -11.17 9.87 13.51
C ILE C 176 -11.25 11.09 14.43
N SER C 177 -10.20 11.39 15.18
CA SER C 177 -10.24 12.55 16.05
C SER C 177 -10.48 13.87 15.31
N PRO C 178 -9.86 14.14 14.16
CA PRO C 178 -10.27 15.34 13.42
C PRO C 178 -11.70 15.26 12.94
N PHE C 179 -12.23 14.06 12.72
CA PHE C 179 -13.60 13.93 12.24
C PHE C 179 -14.61 14.24 13.34
N VAL C 180 -14.37 13.76 14.56
CA VAL C 180 -15.25 14.16 15.66
C VAL C 180 -15.04 15.63 15.98
N GLY C 181 -13.83 16.16 15.76
CA GLY C 181 -13.65 17.59 15.85
C GLY C 181 -14.55 18.34 14.89
N LEU C 182 -14.59 17.89 13.63
CA LEU C 182 -15.47 18.51 12.65
C LEU C 182 -16.93 18.34 13.02
N PHE C 183 -17.28 17.22 13.65
CA PHE C 183 -18.64 17.06 14.17
C PHE C 183 -18.95 18.14 15.19
N GLY C 184 -18.01 18.40 16.10
CA GLY C 184 -18.19 19.50 17.04
C GLY C 184 -18.34 20.83 16.33
N THR C 185 -17.51 21.08 15.32
CA THR C 185 -17.62 22.31 14.54
C THR C 185 -19.02 22.49 13.98
N VAL C 186 -19.53 21.47 13.29
CA VAL C 186 -20.79 21.61 12.59
C VAL C 186 -21.94 21.71 13.58
N TRP C 187 -21.86 20.99 14.71
CA TRP C 187 -22.94 21.08 15.68
C TRP C 187 -22.96 22.45 16.34
N GLY C 188 -21.79 22.98 16.69
CA GLY C 188 -21.74 24.30 17.28
C GLY C 188 -22.19 25.39 16.33
N ILE C 189 -21.80 25.29 15.06
CA ILE C 189 -22.24 26.31 14.11
C ILE C 189 -23.73 26.20 13.86
N MET C 190 -24.28 24.98 13.88
CA MET C 190 -25.72 24.83 13.76
C MET C 190 -26.44 25.47 14.93
N ASN C 191 -25.91 25.28 16.14
CA ASN C 191 -26.53 25.86 17.33
C ASN C 191 -26.45 27.39 17.29
N SER C 192 -25.31 27.93 16.87
CA SER C 192 -25.18 29.39 16.80
C SER C 192 -26.11 29.96 15.74
N PHE C 193 -26.26 29.26 14.61
CA PHE C 193 -27.18 29.75 13.59
C PHE C 193 -28.62 29.63 14.03
N ILE C 194 -28.96 28.60 14.82
CA ILE C 194 -30.29 28.51 15.40
C ILE C 194 -30.55 29.69 16.33
N GLY C 195 -29.55 30.01 17.16
CA GLY C 195 -29.70 31.13 18.07
C GLY C 195 -29.83 32.46 17.35
N ILE C 196 -29.12 32.62 16.24
CA ILE C 196 -29.18 33.88 15.50
C ILE C 196 -30.38 33.94 14.55
N ALA C 197 -31.01 32.80 14.27
CA ALA C 197 -32.17 32.77 13.38
C ALA C 197 -33.48 32.88 14.17
N HIS C 198 -33.61 32.12 15.25
CA HIS C 198 -34.79 32.25 16.09
C HIS C 198 -34.84 33.62 16.75
N SER C 199 -33.68 34.25 16.97
CA SER C 199 -33.58 35.62 17.45
C SER C 199 -33.08 36.46 16.28
N GLN C 200 -34.01 36.99 15.50
CA GLN C 200 -33.69 37.74 14.28
C GLN C 200 -33.21 39.16 14.64
N THR C 201 -32.10 39.20 15.38
CA THR C 201 -31.50 40.45 15.82
C THR C 201 -30.06 40.54 15.31
N THR C 202 -29.56 41.76 15.20
CA THR C 202 -28.20 42.02 14.76
C THR C 202 -27.20 42.08 15.90
N ASN C 203 -27.60 41.63 17.09
CA ASN C 203 -26.71 41.67 18.24
C ASN C 203 -25.53 40.72 18.05
N LEU C 204 -24.43 41.04 18.72
CA LEU C 204 -23.20 40.26 18.61
C LEU C 204 -22.78 39.59 19.91
N ALA C 205 -23.14 40.16 21.06
CA ALA C 205 -22.75 39.59 22.35
C ALA C 205 -23.60 38.39 22.75
N VAL C 206 -24.73 38.17 22.08
CA VAL C 206 -25.58 37.02 22.41
C VAL C 206 -25.08 35.74 21.75
N VAL C 207 -24.24 35.85 20.72
CA VAL C 207 -23.74 34.68 20.01
C VAL C 207 -22.24 34.48 20.22
N ALA C 208 -21.52 35.50 20.69
CA ALA C 208 -20.07 35.37 20.89
C ALA C 208 -19.71 34.23 21.84
N PRO C 209 -20.34 34.05 23.01
CA PRO C 209 -19.99 32.89 23.84
C PRO C 209 -20.30 31.55 23.20
N GLY C 210 -21.37 31.49 22.39
CA GLY C 210 -21.70 30.23 21.72
C GLY C 210 -20.63 29.80 20.73
N ILE C 211 -20.27 30.70 19.81
CA ILE C 211 -19.21 30.38 18.86
C ILE C 211 -17.88 30.20 19.58
N ALA C 212 -17.70 30.88 20.71
CA ALA C 212 -16.48 30.69 21.50
C ALA C 212 -16.39 29.26 22.02
N GLU C 213 -17.48 28.76 22.61
CA GLU C 213 -17.49 27.38 23.08
C GLU C 213 -17.37 26.40 21.91
N ALA C 214 -17.95 26.74 20.76
CA ALA C 214 -17.82 25.87 19.60
C ALA C 214 -16.36 25.74 19.17
N LEU C 215 -15.68 26.86 18.98
CA LEU C 215 -14.27 26.80 18.60
C LEU C 215 -13.42 26.21 19.72
N LEU C 216 -13.87 26.32 20.98
CA LEU C 216 -13.18 25.65 22.07
C LEU C 216 -13.30 24.14 21.93
N ALA C 217 -14.47 23.64 21.52
CA ALA C 217 -14.62 22.22 21.24
C ALA C 217 -13.72 21.81 20.08
N THR C 218 -13.64 22.64 19.04
CA THR C 218 -12.72 22.37 17.94
C THR C 218 -11.28 22.25 18.45
N ALA C 219 -10.87 23.19 19.29
CA ALA C 219 -9.50 23.21 19.79
C ALA C 219 -9.21 22.01 20.66
N MET C 220 -10.16 21.60 21.50
CA MET C 220 -9.91 20.45 22.36
C MET C 220 -9.89 19.16 21.54
N GLY C 221 -10.74 19.06 20.52
CA GLY C 221 -10.65 17.93 19.61
C GLY C 221 -9.30 17.87 18.91
N LEU C 222 -8.79 19.03 18.49
CA LEU C 222 -7.51 19.05 17.80
C LEU C 222 -6.35 18.70 18.73
N VAL C 223 -6.38 19.21 19.97
CA VAL C 223 -5.31 18.91 20.92
C VAL C 223 -5.47 17.52 21.51
N ALA C 224 -6.59 16.86 21.27
CA ALA C 224 -6.67 15.43 21.51
C ALA C 224 -6.17 14.64 20.32
N ALA C 225 -6.34 15.17 19.10
CA ALA C 225 -5.88 14.48 17.91
C ALA C 225 -4.35 14.46 17.82
N ILE C 226 -3.72 15.60 18.12
CA ILE C 226 -2.27 15.76 17.98
C ILE C 226 -1.50 14.66 18.72
N PRO C 227 -1.71 14.47 20.03
CA PRO C 227 -0.91 13.44 20.71
C PRO C 227 -1.20 12.06 20.19
N ALA C 228 -2.47 11.77 19.86
CA ALA C 228 -2.82 10.48 19.30
C ALA C 228 -1.99 10.17 18.06
N VAL C 229 -1.94 11.11 17.11
CA VAL C 229 -1.28 10.82 15.84
C VAL C 229 0.24 10.78 16.02
N VAL C 230 0.80 11.69 16.81
CA VAL C 230 2.26 11.67 16.97
C VAL C 230 2.70 10.41 17.71
N ILE C 231 1.93 10.00 18.72
CA ILE C 231 2.25 8.78 19.45
C ILE C 231 2.07 7.57 18.55
N TYR C 232 1.05 7.58 17.70
CA TYR C 232 0.87 6.47 16.76
C TYR C 232 2.06 6.36 15.82
N ASN C 233 2.55 7.49 15.31
CA ASN C 233 3.67 7.43 14.38
C ASN C 233 4.93 6.92 15.07
N ILE C 234 5.27 7.50 16.23
CA ILE C 234 6.49 7.09 16.91
C ILE C 234 6.39 5.63 17.35
N PHE C 235 5.20 5.21 17.79
CA PHE C 235 5.01 3.83 18.22
C PHE C 235 5.09 2.88 17.03
N ALA C 236 4.59 3.31 15.87
CA ALA C 236 4.72 2.49 14.67
C ALA C 236 6.18 2.32 14.28
N ARG C 237 6.97 3.39 14.39
CA ARG C 237 8.39 3.27 14.12
C ARG C 237 9.05 2.30 15.10
N VAL C 238 8.74 2.42 16.38
CA VAL C 238 9.37 1.57 17.39
C VAL C 238 8.97 0.11 17.18
N ILE C 239 7.69 -0.14 16.88
CA ILE C 239 7.26 -1.53 16.70
C ILE C 239 7.80 -2.09 15.39
N SER C 240 8.02 -1.24 14.39
CA SER C 240 8.68 -1.73 13.18
C SER C 240 10.11 -2.14 13.47
N GLY C 241 10.82 -1.35 14.28
CA GLY C 241 12.15 -1.76 14.71
C GLY C 241 12.13 -3.06 15.48
N HIS C 242 11.16 -3.21 16.40
CA HIS C 242 11.07 -4.42 17.18
C HIS C 242 10.75 -5.63 16.31
N ARG C 243 9.86 -5.45 15.33
CA ARG C 243 9.53 -6.53 14.41
C ARG C 243 10.73 -6.89 13.54
N ALA C 244 11.51 -5.89 13.13
CA ALA C 244 12.74 -6.18 12.41
C ALA C 244 13.69 -6.99 13.27
N GLN C 245 13.82 -6.64 14.55
CA GLN C 245 14.72 -7.37 15.43
C GLN C 245 14.26 -8.80 15.64
N VAL C 246 12.96 -9.01 15.85
CA VAL C 246 12.48 -10.38 16.04
C VAL C 246 12.60 -11.15 14.73
N GLY C 247 12.51 -10.47 13.59
CA GLY C 247 12.79 -11.13 12.33
C GLY C 247 14.24 -11.55 12.22
N ASP C 248 15.17 -10.71 12.69
CA ASP C 248 16.57 -11.09 12.72
C ASP C 248 16.77 -12.33 13.58
N VAL C 249 16.17 -12.35 14.78
CA VAL C 249 16.41 -13.50 15.66
C VAL C 249 15.74 -14.75 15.10
N ALA C 250 14.61 -14.60 14.40
CA ALA C 250 13.98 -15.75 13.76
C ALA C 250 14.84 -16.29 12.63
N ALA C 251 15.40 -15.40 11.81
CA ALA C 251 16.32 -15.83 10.78
C ALA C 251 17.54 -16.52 11.39
N GLN C 252 18.01 -16.02 12.53
CA GLN C 252 19.15 -16.64 13.21
C GLN C 252 18.82 -18.06 13.64
N VAL C 253 17.66 -18.24 14.28
CA VAL C 253 17.34 -19.58 14.78
C VAL C 253 17.05 -20.53 13.63
N LEU C 254 16.45 -20.04 12.54
CA LEU C 254 16.20 -20.92 11.39
C LEU C 254 17.51 -21.30 10.71
N LEU C 255 18.43 -20.34 10.59
CA LEU C 255 19.75 -20.64 10.05
C LEU C 255 20.46 -21.68 10.90
N LEU C 256 20.40 -21.52 12.22
CA LEU C 256 21.05 -22.49 13.11
C LEU C 256 20.43 -23.86 12.94
N GLN C 257 19.09 -23.93 12.86
CA GLN C 257 18.42 -25.21 12.70
C GLN C 257 18.85 -25.89 11.39
N GLY C 258 18.80 -25.16 10.28
CA GLY C 258 19.20 -25.73 9.01
C GLY C 258 20.66 -26.17 9.02
N ARG C 259 21.55 -25.34 9.57
CA ARG C 259 22.96 -25.67 9.58
C ARG C 259 23.23 -26.92 10.42
N ASP C 260 22.63 -27.02 11.60
CA ASP C 260 22.88 -28.19 12.44
C ASP C 260 22.26 -29.44 11.83
N LEU C 261 21.10 -29.32 11.19
CA LEU C 261 20.51 -30.46 10.51
C LEU C 261 21.44 -30.95 9.39
N ASP C 262 21.95 -30.02 8.58
CA ASP C 262 22.87 -30.40 7.52
C ASP C 262 24.13 -31.03 8.07
N LEU C 263 24.68 -30.46 9.14
CA LEU C 263 25.92 -31.00 9.71
C LEU C 263 25.71 -32.39 10.29
N ALA C 264 24.54 -32.63 10.90
CA ALA C 264 24.27 -33.93 11.48
C ALA C 264 23.98 -34.98 10.42
N ALA C 265 23.36 -34.58 9.30
CA ALA C 265 23.00 -35.55 8.28
C ALA C 265 24.12 -35.84 7.30
N THR C 266 24.94 -34.84 6.96
CA THR C 266 25.84 -34.93 5.82
C THR C 266 26.83 -36.07 5.92
N ALA C 267 27.73 -36.02 6.90
CA ALA C 267 28.81 -37.00 6.97
C ALA C 267 28.26 -38.40 7.24
N GLU C 268 27.29 -38.51 8.14
CA GLU C 268 26.74 -39.83 8.47
C GLU C 268 26.07 -40.47 7.25
N ALA C 269 25.15 -39.75 6.63
CA ALA C 269 24.49 -40.28 5.43
C ALA C 269 25.52 -40.59 4.35
N LYS C 270 26.48 -39.70 4.13
CA LYS C 270 27.52 -39.93 3.12
C LYS C 270 28.21 -41.26 3.36
N ARG C 271 28.85 -41.42 4.51
CA ARG C 271 29.62 -42.63 4.75
C ARG C 271 28.73 -43.87 4.72
N SER C 272 27.61 -43.83 5.43
CA SER C 272 26.75 -45.01 5.55
C SER C 272 26.21 -45.44 4.19
N GLN C 273 25.50 -44.53 3.51
CA GLN C 273 24.90 -44.88 2.22
C GLN C 273 25.98 -45.23 1.20
N HIS C 274 26.99 -44.35 1.04
CA HIS C 274 28.11 -44.63 0.15
C HIS C 274 28.60 -46.05 0.32
N ALA C 275 29.10 -46.39 1.51
CA ALA C 275 29.63 -47.73 1.75
C ALA C 275 28.59 -48.79 1.44
N HIS C 276 27.47 -48.79 2.16
CA HIS C 276 26.52 -49.89 2.07
C HIS C 276 25.95 -50.04 0.66
N GLN C 277 25.19 -49.05 0.20
CA GLN C 277 24.51 -49.16 -1.07
C GLN C 277 25.37 -48.68 -2.25
N LEU C 278 26.70 -48.71 -2.11
CA LEU C 278 27.58 -48.62 -3.25
C LEU C 278 28.61 -49.73 -3.30
N ARG C 279 28.77 -50.52 -2.23
CA ARG C 279 29.57 -51.73 -2.25
C ARG C 279 28.73 -52.99 -2.35
N ALA C 280 27.49 -52.95 -1.87
CA ALA C 280 26.60 -54.11 -1.93
C ALA C 280 25.80 -54.19 -3.22
N GLY C 281 25.89 -53.18 -4.09
CA GLY C 281 25.13 -53.17 -5.32
C GLY C 281 25.62 -54.16 -6.36
N ASP D 46 -37.95 24.56 13.02
CA ASP D 46 -37.20 25.60 13.72
C ASP D 46 -36.86 25.17 15.14
N LEU D 47 -37.65 24.24 15.68
CA LEU D 47 -37.41 23.76 17.04
C LEU D 47 -36.08 23.03 17.13
N SER D 48 -35.74 22.24 16.11
CA SER D 48 -34.50 21.48 16.09
C SER D 48 -34.21 21.08 14.64
N ILE D 49 -33.23 20.19 14.47
CA ILE D 49 -32.96 19.65 13.14
C ILE D 49 -34.13 18.81 12.66
N TRP D 50 -34.85 18.17 13.60
CA TRP D 50 -36.00 17.35 13.22
C TRP D 50 -37.16 18.19 12.68
N GLY D 51 -37.10 19.51 12.84
CA GLY D 51 -38.17 20.36 12.37
C GLY D 51 -37.74 21.42 11.36
N MET D 52 -36.79 21.07 10.50
CA MET D 52 -36.32 21.95 9.43
C MET D 52 -36.23 21.20 8.11
N TYR D 53 -37.28 20.44 7.79
CA TYR D 53 -37.30 19.57 6.63
C TYR D 53 -38.15 20.13 5.49
N GLN D 54 -38.43 21.42 5.51
CA GLN D 54 -39.26 22.00 4.46
C GLN D 54 -38.63 23.22 3.80
N HIS D 55 -37.90 24.04 4.55
CA HIS D 55 -37.33 25.27 4.02
C HIS D 55 -36.09 25.05 3.16
N ALA D 56 -35.71 23.79 2.92
CA ALA D 56 -34.57 23.48 2.08
C ALA D 56 -35.04 23.04 0.70
N ASP D 57 -34.08 22.72 -0.17
CA ASP D 57 -34.41 22.24 -1.50
C ASP D 57 -34.93 20.81 -1.44
N ALA D 58 -35.76 20.46 -2.42
CA ALA D 58 -36.29 19.10 -2.48
C ALA D 58 -35.16 18.09 -2.66
N VAL D 59 -34.17 18.42 -3.47
CA VAL D 59 -33.02 17.53 -3.63
C VAL D 59 -32.21 17.47 -2.34
N VAL D 60 -32.20 18.55 -1.57
CA VAL D 60 -31.50 18.55 -0.29
C VAL D 60 -32.15 17.56 0.66
N LYS D 61 -33.49 17.59 0.74
CA LYS D 61 -34.19 16.62 1.58
C LYS D 61 -34.01 15.20 1.06
N ALA D 62 -33.98 15.03 -0.27
CA ALA D 62 -33.79 13.71 -0.85
C ALA D 62 -32.43 13.14 -0.46
N VAL D 63 -31.36 13.92 -0.64
CA VAL D 63 -30.04 13.43 -0.30
C VAL D 63 -29.89 13.29 1.21
N MET D 64 -30.63 14.08 1.99
CA MET D 64 -30.60 13.91 3.44
C MET D 64 -31.21 12.57 3.85
N ILE D 65 -32.38 12.24 3.29
CA ILE D 65 -32.97 10.93 3.53
C ILE D 65 -32.04 9.82 3.04
N GLY D 66 -31.32 10.09 1.95
CA GLY D 66 -30.32 9.13 1.48
C GLY D 66 -29.23 8.90 2.51
N LEU D 67 -28.73 9.98 3.12
CA LEU D 67 -27.73 9.82 4.17
C LEU D 67 -28.29 9.06 5.36
N VAL D 68 -29.54 9.35 5.75
CA VAL D 68 -30.12 8.66 6.89
C VAL D 68 -30.26 7.16 6.60
N LEU D 69 -30.75 6.81 5.41
CA LEU D 69 -30.88 5.40 5.07
C LEU D 69 -29.52 4.73 4.92
N ALA D 70 -28.51 5.47 4.44
CA ALA D 70 -27.17 4.92 4.37
C ALA D 70 -26.63 4.61 5.75
N SER D 71 -26.82 5.54 6.69
CA SER D 71 -26.40 5.30 8.07
C SER D 71 -27.13 4.10 8.65
N ILE D 72 -28.43 3.98 8.37
CA ILE D 72 -29.22 2.87 8.91
C ILE D 72 -28.71 1.54 8.36
N VAL D 73 -28.48 1.46 7.05
CA VAL D 73 -28.03 0.20 6.47
C VAL D 73 -26.61 -0.10 6.89
N THR D 74 -25.77 0.91 7.11
CA THR D 74 -24.42 0.66 7.59
C THR D 74 -24.45 0.12 9.01
N TRP D 75 -25.35 0.65 9.86
CA TRP D 75 -25.50 0.11 11.21
C TRP D 75 -26.03 -1.32 11.18
N THR D 76 -26.95 -1.60 10.25
CA THR D 76 -27.47 -2.96 10.12
C THR D 76 -26.37 -3.93 9.70
N ILE D 77 -25.56 -3.54 8.71
CA ILE D 77 -24.42 -4.35 8.32
C ILE D 77 -23.44 -4.49 9.48
N LEU D 78 -23.28 -3.43 10.27
CA LEU D 78 -22.44 -3.50 11.46
C LEU D 78 -22.91 -4.61 12.38
N PHE D 79 -24.18 -4.57 12.77
CA PHE D 79 -24.71 -5.57 13.68
C PHE D 79 -24.57 -6.98 13.11
N ALA D 80 -25.01 -7.15 11.85
CA ALA D 80 -25.02 -8.48 11.26
C ALA D 80 -23.61 -9.04 11.13
N LYS D 81 -22.70 -8.28 10.51
CA LYS D 81 -21.35 -8.76 10.30
C LYS D 81 -20.62 -8.94 11.62
N GLY D 82 -20.89 -8.10 12.62
CA GLY D 82 -20.26 -8.29 13.92
C GLY D 82 -20.71 -9.58 14.58
N SER D 83 -22.01 -9.86 14.55
CA SER D 83 -22.51 -11.12 15.08
C SER D 83 -21.88 -12.31 14.35
N GLU D 84 -21.86 -12.24 13.01
CA GLU D 84 -21.30 -13.35 12.24
C GLU D 84 -19.82 -13.53 12.54
N LEU D 85 -19.08 -12.44 12.68
CA LEU D 85 -17.64 -12.54 12.90
C LEU D 85 -17.32 -13.02 14.31
N LEU D 86 -18.12 -12.63 15.30
CA LEU D 86 -17.91 -13.15 16.65
C LEU D 86 -18.26 -14.63 16.72
N ARG D 87 -19.32 -15.04 16.03
CA ARG D 87 -19.64 -16.46 15.94
C ARG D 87 -18.51 -17.24 15.29
N ALA D 88 -17.96 -16.71 14.19
CA ALA D 88 -16.86 -17.35 13.52
C ALA D 88 -15.61 -17.37 14.39
N LYS D 89 -15.40 -16.33 15.19
CA LYS D 89 -14.23 -16.29 16.07
C LYS D 89 -14.33 -17.34 17.16
N ARG D 90 -15.51 -17.44 17.78
CA ARG D 90 -15.72 -18.49 18.78
C ARG D 90 -15.57 -19.87 18.16
N ARG D 91 -16.10 -20.06 16.95
CA ARG D 91 -15.98 -21.35 16.28
C ARG D 91 -14.51 -21.67 15.99
N LEU D 92 -13.76 -20.68 15.53
CA LEU D 92 -12.34 -20.90 15.23
C LEU D 92 -11.57 -21.25 16.49
N ARG D 93 -11.81 -20.52 17.59
CA ARG D 93 -11.11 -20.81 18.83
C ARG D 93 -11.47 -22.21 19.34
N ARG D 94 -12.75 -22.58 19.24
CA ARG D 94 -13.16 -23.90 19.69
C ARG D 94 -12.51 -25.00 18.86
N GLU D 95 -12.52 -24.83 17.53
CA GLU D 95 -11.90 -25.82 16.66
C GLU D 95 -10.41 -25.91 16.90
N GLN D 96 -9.76 -24.78 17.18
CA GLN D 96 -8.32 -24.80 17.47
C GLN D 96 -8.04 -25.53 18.77
N LEU D 97 -8.83 -25.25 19.81
CA LEU D 97 -8.70 -25.99 21.06
C LEU D 97 -8.92 -27.49 20.84
N ALA D 98 -9.82 -27.84 19.93
CA ALA D 98 -10.06 -29.25 19.63
C ALA D 98 -8.84 -29.88 18.96
N LEU D 99 -8.31 -29.22 17.93
CA LEU D 99 -7.15 -29.73 17.20
C LEU D 99 -5.83 -29.42 17.89
N ALA D 100 -5.87 -28.96 19.15
CA ALA D 100 -4.64 -28.64 19.87
C ALA D 100 -3.67 -29.82 19.88
N GLU D 101 -4.19 -31.04 19.96
CA GLU D 101 -3.36 -32.25 19.97
C GLU D 101 -3.54 -33.09 18.72
N ALA D 102 -3.94 -32.46 17.62
CA ALA D 102 -4.19 -33.20 16.38
C ALA D 102 -2.89 -33.75 15.82
N ARG D 103 -2.80 -35.08 15.73
CA ARG D 103 -1.63 -35.73 15.17
C ARG D 103 -1.99 -36.91 14.27
N SER D 104 -3.20 -36.93 13.73
CA SER D 104 -3.63 -37.98 12.82
C SER D 104 -4.80 -37.47 11.99
N LEU D 105 -4.74 -37.69 10.68
CA LEU D 105 -5.75 -37.14 9.78
C LEU D 105 -7.15 -37.63 10.14
N ASP D 106 -7.30 -38.93 10.35
CA ASP D 106 -8.59 -39.47 10.76
C ASP D 106 -9.02 -38.88 12.09
N GLU D 107 -8.08 -38.73 13.02
CA GLU D 107 -8.41 -38.15 14.32
C GLU D 107 -8.87 -36.70 14.18
N ALA D 108 -8.17 -35.92 13.34
CA ALA D 108 -8.57 -34.53 13.13
C ALA D 108 -9.95 -34.45 12.51
N SER D 109 -10.21 -35.26 11.47
CA SER D 109 -11.51 -35.24 10.83
C SER D 109 -12.62 -35.63 11.79
N GLU D 110 -12.39 -36.65 12.62
CA GLU D 110 -13.41 -37.07 13.56
C GLU D 110 -13.66 -36.02 14.64
N LEU D 111 -12.59 -35.44 15.18
CA LEU D 111 -12.76 -34.43 16.22
C LEU D 111 -13.33 -33.13 15.67
N ALA D 112 -13.25 -32.90 14.36
CA ALA D 112 -13.85 -31.70 13.79
C ALA D 112 -15.27 -31.92 13.30
N GLN D 113 -15.61 -33.15 12.93
CA GLN D 113 -16.95 -33.40 12.40
C GLN D 113 -18.01 -33.35 13.48
N ASN D 114 -17.66 -33.69 14.72
CA ASN D 114 -18.64 -33.68 15.80
C ASN D 114 -19.13 -32.27 16.12
N PHE D 115 -18.34 -31.26 15.82
CA PHE D 115 -18.77 -29.87 15.99
C PHE D 115 -19.63 -29.49 14.79
N SER D 116 -19.91 -28.19 14.65
CA SER D 116 -20.69 -27.69 13.53
C SER D 116 -19.98 -27.99 12.22
N PRO D 117 -20.54 -28.86 11.38
CA PRO D 117 -19.87 -29.18 10.10
C PRO D 117 -19.85 -28.02 9.12
N GLU D 118 -20.61 -26.96 9.36
CA GLU D 118 -20.60 -25.78 8.50
C GLU D 118 -19.44 -24.88 8.86
N SER D 119 -18.24 -25.44 8.93
CA SER D 119 -17.04 -24.72 9.34
C SER D 119 -15.97 -24.83 8.27
N VAL D 120 -15.19 -23.76 8.13
CA VAL D 120 -14.11 -23.76 7.15
C VAL D 120 -13.06 -24.81 7.50
N SER D 121 -12.93 -25.13 8.79
CA SER D 121 -11.96 -26.15 9.19
C SER D 121 -12.32 -27.51 8.61
N ALA D 122 -13.58 -27.92 8.76
CA ALA D 122 -14.03 -29.17 8.16
C ALA D 122 -13.93 -29.13 6.64
N VAL D 123 -14.17 -27.96 6.05
CA VAL D 123 -14.03 -27.82 4.60
C VAL D 123 -12.60 -28.11 4.18
N LEU D 124 -11.63 -27.51 4.85
CA LEU D 124 -10.23 -27.73 4.50
C LEU D 124 -9.82 -29.18 4.75
N LEU D 125 -10.29 -29.77 5.84
CA LEU D 125 -9.97 -31.17 6.12
C LEU D 125 -10.50 -32.09 5.03
N ASN D 126 -11.77 -31.91 4.66
CA ASN D 126 -12.35 -32.69 3.57
C ASN D 126 -11.59 -32.45 2.28
N ASP D 127 -11.17 -31.21 2.05
CA ASP D 127 -10.43 -30.89 0.82
C ASP D 127 -9.13 -31.66 0.75
N ALA D 128 -8.32 -31.59 1.80
CA ALA D 128 -7.06 -32.31 1.81
C ALA D 128 -7.28 -33.82 1.70
N GLN D 129 -8.29 -34.34 2.40
CA GLN D 129 -8.56 -35.77 2.37
C GLN D 129 -8.93 -36.23 0.97
N ASN D 130 -9.87 -35.54 0.32
CA ASN D 130 -10.28 -35.95 -1.01
C ASN D 130 -9.18 -35.72 -2.04
N GLU D 131 -8.34 -34.71 -1.85
CA GLU D 131 -7.22 -34.52 -2.77
C GLU D 131 -6.23 -35.67 -2.66
N LEU D 132 -5.92 -36.11 -1.43
CA LEU D 132 -5.06 -37.28 -1.28
C LEU D 132 -5.71 -38.51 -1.88
N GLU D 133 -7.01 -38.68 -1.68
CA GLU D 133 -7.72 -39.82 -2.26
C GLU D 133 -7.62 -39.81 -3.78
N LEU D 134 -7.83 -38.65 -4.40
CA LEU D 134 -7.80 -38.55 -5.85
C LEU D 134 -6.41 -38.80 -6.39
N SER D 135 -5.40 -38.13 -5.82
CA SER D 135 -4.02 -38.28 -6.27
C SER D 135 -3.31 -39.43 -5.58
N ALA D 136 -4.05 -40.40 -5.04
CA ALA D 136 -3.45 -41.55 -4.38
C ALA D 136 -2.65 -42.41 -5.34
N GLU D 137 -2.03 -43.47 -4.80
CA GLU D 137 -1.14 -44.40 -5.51
C GLU D 137 -0.20 -43.68 -6.47
N SER D 138 0.29 -42.51 -6.06
CA SER D 138 1.22 -41.72 -6.86
C SER D 138 2.45 -41.41 -6.03
N ASN D 139 3.57 -41.18 -6.72
CA ASN D 139 4.85 -40.91 -6.07
C ASN D 139 5.31 -39.46 -6.33
N ASP D 140 4.36 -38.53 -6.30
CA ASP D 140 4.66 -37.10 -6.43
C ASP D 140 4.58 -36.38 -5.10
N ASN D 141 5.12 -37.02 -4.05
CA ASN D 141 5.02 -36.48 -2.68
C ASN D 141 5.33 -34.99 -2.62
N ASN D 142 6.42 -34.57 -3.24
CA ASN D 142 6.74 -33.14 -3.27
C ASN D 142 5.69 -32.37 -4.07
N GLY D 143 5.37 -32.86 -5.26
CA GLY D 143 4.27 -32.27 -6.02
C GLY D 143 2.94 -32.40 -5.30
N ILE D 144 2.76 -33.48 -4.55
CA ILE D 144 1.56 -33.61 -3.72
C ILE D 144 1.45 -32.43 -2.77
N LYS D 145 2.53 -32.16 -2.02
CA LYS D 145 2.51 -31.04 -1.08
C LYS D 145 2.31 -29.72 -1.81
N GLU D 146 2.97 -29.55 -2.96
CA GLU D 146 2.84 -28.30 -3.70
C GLU D 146 1.40 -28.05 -4.12
N ARG D 147 0.79 -29.02 -4.81
CA ARG D 147 -0.58 -28.85 -5.30
C ARG D 147 -1.56 -28.73 -4.14
N THR D 148 -1.34 -29.49 -3.07
CA THR D 148 -2.22 -29.43 -1.91
C THR D 148 -2.18 -28.04 -1.29
N GLY D 149 -0.98 -27.52 -1.04
CA GLY D 149 -0.87 -26.18 -0.48
C GLY D 149 -1.44 -25.13 -1.39
N PHE D 150 -1.29 -25.31 -2.71
CA PHE D 150 -1.89 -24.38 -3.65
C PHE D 150 -3.40 -24.35 -3.52
N ARG D 151 -4.02 -25.54 -3.49
CA ARG D 151 -5.47 -25.61 -3.36
C ARG D 151 -5.92 -25.04 -2.02
N LEU D 152 -5.17 -25.32 -0.95
CA LEU D 152 -5.53 -24.80 0.37
C LEU D 152 -5.47 -23.28 0.40
N GLU D 153 -4.39 -22.69 -0.12
CA GLU D 153 -4.29 -21.24 -0.10
C GLU D 153 -5.33 -20.60 -1.02
N ARG D 154 -5.68 -21.27 -2.12
CA ARG D 154 -6.74 -20.74 -2.97
C ARG D 154 -8.08 -20.72 -2.23
N ARG D 155 -8.42 -21.84 -1.57
CA ARG D 155 -9.66 -21.87 -0.82
C ARG D 155 -9.65 -20.89 0.35
N VAL D 156 -8.49 -20.69 0.96
CA VAL D 156 -8.40 -19.73 2.07
C VAL D 156 -8.62 -18.31 1.56
N ALA D 157 -8.02 -17.97 0.42
CA ALA D 157 -8.26 -16.65 -0.16
C ALA D 157 -9.72 -16.47 -0.54
N ALA D 158 -10.34 -17.52 -1.10
CA ALA D 158 -11.75 -17.45 -1.46
C ALA D 158 -12.62 -17.21 -0.23
N TYR D 159 -12.37 -17.98 0.83
CA TYR D 159 -13.16 -17.83 2.06
C TYR D 159 -12.94 -16.47 2.69
N SER D 160 -11.70 -15.97 2.68
CA SER D 160 -11.43 -14.66 3.24
C SER D 160 -12.15 -13.57 2.46
N ARG D 161 -12.17 -13.68 1.12
CA ARG D 161 -12.93 -12.75 0.31
C ARG D 161 -14.42 -12.84 0.65
N ASN D 162 -14.92 -14.05 0.85
CA ASN D 162 -16.33 -14.22 1.21
C ASN D 162 -16.63 -13.64 2.58
N MET D 163 -15.63 -13.58 3.47
CA MET D 163 -15.86 -12.99 4.78
C MET D 163 -15.90 -11.47 4.70
N GLY D 164 -14.85 -10.86 4.17
CA GLY D 164 -14.78 -9.41 4.04
C GLY D 164 -15.47 -8.89 2.81
N ARG D 165 -16.80 -8.84 2.82
CA ARG D 165 -17.58 -8.35 1.69
C ARG D 165 -18.06 -6.91 1.90
N GLY D 166 -18.80 -6.67 2.97
CA GLY D 166 -19.35 -5.35 3.22
C GLY D 166 -18.33 -4.30 3.59
N ASN D 167 -17.10 -4.69 3.88
CA ASN D 167 -16.06 -3.71 4.22
C ASN D 167 -15.86 -2.73 3.08
N GLY D 168 -15.87 -3.21 1.83
CA GLY D 168 -15.77 -2.30 0.70
C GLY D 168 -16.93 -1.33 0.63
N PHE D 169 -18.14 -1.82 0.88
CA PHE D 169 -19.31 -0.95 0.87
C PHE D 169 -19.18 0.14 1.94
N LEU D 170 -18.74 -0.23 3.14
CA LEU D 170 -18.54 0.76 4.20
C LEU D 170 -17.47 1.76 3.80
N ALA D 171 -16.40 1.30 3.14
CA ALA D 171 -15.35 2.21 2.70
C ALA D 171 -15.89 3.23 1.71
N THR D 172 -16.65 2.76 0.72
CA THR D 172 -17.24 3.67 -0.26
C THR D 172 -18.19 4.65 0.41
N ILE D 173 -19.01 4.17 1.35
CA ILE D 173 -19.96 5.05 2.03
C ILE D 173 -19.22 6.14 2.80
N GLY D 174 -18.21 5.73 3.58
CA GLY D 174 -17.45 6.69 4.36
C GLY D 174 -16.64 7.65 3.50
N ALA D 175 -16.28 7.24 2.28
CA ALA D 175 -15.56 8.14 1.39
C ALA D 175 -16.50 9.14 0.73
N ILE D 176 -17.68 8.69 0.30
CA ILE D 176 -18.59 9.57 -0.45
C ILE D 176 -19.43 10.45 0.45
N SER D 177 -19.65 10.05 1.71
CA SER D 177 -20.49 10.86 2.59
C SER D 177 -19.97 12.28 2.81
N PRO D 178 -18.68 12.53 3.06
CA PRO D 178 -18.23 13.93 3.12
C PRO D 178 -18.36 14.63 1.78
N PHE D 179 -18.15 13.91 0.68
CA PHE D 179 -18.26 14.52 -0.64
C PHE D 179 -19.70 14.92 -0.94
N VAL D 180 -20.65 14.02 -0.68
CA VAL D 180 -22.04 14.39 -0.90
C VAL D 180 -22.48 15.46 0.10
N GLY D 181 -21.88 15.48 1.29
CA GLY D 181 -22.19 16.53 2.24
C GLY D 181 -21.77 17.90 1.74
N LEU D 182 -20.53 18.01 1.27
CA LEU D 182 -20.07 19.27 0.71
C LEU D 182 -20.82 19.62 -0.58
N PHE D 183 -21.28 18.61 -1.32
CA PHE D 183 -22.09 18.86 -2.51
C PHE D 183 -23.42 19.51 -2.13
N GLY D 184 -24.13 18.92 -1.17
CA GLY D 184 -25.33 19.57 -0.65
C GLY D 184 -25.05 20.93 -0.09
N THR D 185 -23.89 21.11 0.56
CA THR D 185 -23.50 22.40 1.10
C THR D 185 -23.43 23.46 0.01
N VAL D 186 -22.66 23.18 -1.04
CA VAL D 186 -22.49 24.17 -2.11
C VAL D 186 -23.80 24.39 -2.85
N TRP D 187 -24.62 23.34 -3.00
CA TRP D 187 -25.91 23.50 -3.64
C TRP D 187 -26.80 24.44 -2.84
N GLY D 188 -26.86 24.23 -1.52
CA GLY D 188 -27.66 25.10 -0.69
C GLY D 188 -27.15 26.54 -0.69
N ILE D 189 -25.84 26.71 -0.70
CA ILE D 189 -25.31 28.07 -0.64
C ILE D 189 -25.52 28.80 -1.96
N MET D 190 -25.45 28.08 -3.09
CA MET D 190 -25.72 28.75 -4.35
C MET D 190 -27.21 29.03 -4.51
N ASN D 191 -28.07 28.16 -3.98
CA ASN D 191 -29.50 28.44 -3.98
C ASN D 191 -29.79 29.70 -3.15
N SER D 192 -29.17 29.81 -1.98
CA SER D 192 -29.34 31.00 -1.16
C SER D 192 -28.84 32.24 -1.89
N PHE D 193 -27.71 32.12 -2.59
CA PHE D 193 -27.14 33.28 -3.27
C PHE D 193 -28.01 33.73 -4.44
N ILE D 194 -28.55 32.78 -5.22
CA ILE D 194 -29.43 33.16 -6.31
C ILE D 194 -30.75 33.69 -5.79
N GLY D 195 -31.20 33.22 -4.63
CA GLY D 195 -32.39 33.79 -4.02
C GLY D 195 -32.16 35.22 -3.57
N ILE D 196 -30.99 35.50 -3.00
CA ILE D 196 -30.67 36.88 -2.62
C ILE D 196 -30.47 37.74 -3.85
N ALA D 197 -30.01 37.15 -4.96
CA ALA D 197 -29.83 37.91 -6.18
C ALA D 197 -31.16 38.29 -6.81
N HIS D 198 -32.07 37.33 -6.96
CA HIS D 198 -33.40 37.63 -7.49
C HIS D 198 -34.15 38.58 -6.57
N SER D 199 -33.93 38.48 -5.27
CA SER D 199 -34.50 39.42 -4.31
C SER D 199 -33.50 40.55 -4.07
N GLN D 200 -33.73 41.34 -3.03
CA GLN D 200 -32.79 42.37 -2.59
C GLN D 200 -32.85 42.43 -1.06
N THR D 201 -31.89 41.78 -0.42
CA THR D 201 -31.84 41.70 1.05
C THR D 201 -30.55 42.33 1.54
N THR D 202 -30.65 43.15 2.59
CA THR D 202 -29.50 43.79 3.21
C THR D 202 -29.23 43.29 4.61
N ASN D 203 -30.22 42.73 5.28
CA ASN D 203 -30.06 42.25 6.65
C ASN D 203 -29.07 41.10 6.70
N LEU D 204 -28.61 40.80 7.92
CA LEU D 204 -27.64 39.74 8.15
C LEU D 204 -28.29 38.40 8.47
N ALA D 205 -29.56 38.39 8.87
CA ALA D 205 -30.24 37.17 9.26
C ALA D 205 -30.92 36.47 8.08
N VAL D 206 -30.80 37.01 6.88
CA VAL D 206 -31.47 36.40 5.73
C VAL D 206 -30.74 35.16 5.21
N VAL D 207 -29.46 35.01 5.54
CA VAL D 207 -28.66 33.90 5.03
C VAL D 207 -28.74 32.71 5.97
N ALA D 208 -29.57 32.82 7.01
CA ALA D 208 -29.58 31.78 8.04
C ALA D 208 -30.15 30.46 7.56
N PRO D 209 -31.33 30.39 6.91
CA PRO D 209 -31.93 29.07 6.65
C PRO D 209 -31.10 28.16 5.77
N GLY D 210 -30.69 28.64 4.59
CA GLY D 210 -29.94 27.80 3.68
C GLY D 210 -28.58 27.38 4.24
N ILE D 211 -27.89 28.31 4.90
CA ILE D 211 -26.61 27.96 5.50
C ILE D 211 -26.79 26.91 6.58
N ALA D 212 -27.84 27.05 7.40
CA ALA D 212 -28.10 26.07 8.45
C ALA D 212 -28.44 24.71 7.85
N GLU D 213 -29.17 24.70 6.75
CA GLU D 213 -29.44 23.44 6.05
C GLU D 213 -28.15 22.81 5.56
N ALA D 214 -27.23 23.63 5.05
CA ALA D 214 -25.92 23.12 4.65
C ALA D 214 -25.18 22.53 5.84
N LEU D 215 -25.25 23.20 6.99
CA LEU D 215 -24.58 22.69 8.18
C LEU D 215 -25.14 21.33 8.58
N LEU D 216 -26.46 21.19 8.61
CA LEU D 216 -27.04 19.91 9.00
C LEU D 216 -26.74 18.82 7.96
N ALA D 217 -26.64 19.20 6.69
CA ALA D 217 -26.23 18.23 5.67
C ALA D 217 -24.82 17.74 5.91
N THR D 218 -23.90 18.67 6.19
CA THR D 218 -22.53 18.28 6.53
C THR D 218 -22.51 17.39 7.77
N ALA D 219 -23.34 17.71 8.76
CA ALA D 219 -23.37 16.93 10.00
C ALA D 219 -23.82 15.50 9.71
N MET D 220 -24.88 15.34 8.92
CA MET D 220 -25.33 14.01 8.54
C MET D 220 -24.23 13.27 7.77
N GLY D 221 -23.58 13.95 6.83
CA GLY D 221 -22.52 13.32 6.07
C GLY D 221 -21.40 12.81 6.94
N LEU D 222 -20.97 13.61 7.91
CA LEU D 222 -19.86 13.19 8.75
C LEU D 222 -20.25 12.15 9.79
N VAL D 223 -21.47 12.21 10.33
CA VAL D 223 -21.92 11.16 11.24
C VAL D 223 -22.17 9.87 10.49
N ALA D 224 -22.30 9.92 9.17
CA ALA D 224 -22.26 8.70 8.38
C ALA D 224 -20.84 8.28 8.05
N ALA D 225 -19.93 9.25 7.91
CA ALA D 225 -18.56 8.94 7.52
C ALA D 225 -17.79 8.27 8.64
N ILE D 226 -17.79 8.86 9.83
CA ILE D 226 -16.94 8.43 10.93
C ILE D 226 -17.14 6.94 11.23
N PRO D 227 -18.34 6.48 11.61
CA PRO D 227 -18.47 5.06 11.96
C PRO D 227 -18.14 4.16 10.79
N ALA D 228 -18.30 4.64 9.57
CA ALA D 228 -17.93 3.85 8.39
C ALA D 228 -16.45 3.47 8.44
N VAL D 229 -15.56 4.47 8.59
CA VAL D 229 -14.14 4.15 8.60
C VAL D 229 -13.75 3.44 9.90
N VAL D 230 -14.42 3.76 11.01
CA VAL D 230 -14.13 3.04 12.25
C VAL D 230 -14.36 1.54 12.08
N ILE D 231 -15.57 1.17 11.63
CA ILE D 231 -15.88 -0.24 11.46
C ILE D 231 -15.06 -0.83 10.32
N TYR D 232 -14.68 -0.02 9.33
CA TYR D 232 -13.83 -0.53 8.26
C TYR D 232 -12.50 -1.02 8.81
N ASN D 233 -11.82 -0.17 9.58
CA ASN D 233 -10.53 -0.57 10.15
C ASN D 233 -10.70 -1.67 11.18
N ILE D 234 -11.79 -1.64 11.95
CA ILE D 234 -12.04 -2.68 12.94
C ILE D 234 -12.17 -4.03 12.25
N PHE D 235 -13.06 -4.12 11.27
CA PHE D 235 -13.24 -5.37 10.52
C PHE D 235 -11.98 -5.76 9.77
N ALA D 236 -11.18 -4.79 9.34
CA ALA D 236 -9.89 -5.11 8.74
C ALA D 236 -9.01 -5.86 9.73
N ARG D 237 -8.92 -5.35 10.95
CA ARG D 237 -8.13 -6.03 11.99
C ARG D 237 -8.70 -7.41 12.28
N VAL D 238 -10.03 -7.52 12.37
CA VAL D 238 -10.64 -8.80 12.72
C VAL D 238 -10.42 -9.83 11.62
N ILE D 239 -10.55 -9.42 10.36
CA ILE D 239 -10.34 -10.38 9.27
C ILE D 239 -8.86 -10.69 9.12
N SER D 240 -7.98 -9.77 9.52
CA SER D 240 -6.56 -10.09 9.56
C SER D 240 -6.28 -11.19 10.58
N GLY D 241 -6.84 -11.04 11.77
CA GLY D 241 -6.68 -12.09 12.78
C GLY D 241 -7.30 -13.40 12.35
N HIS D 242 -8.47 -13.34 11.71
CA HIS D 242 -9.12 -14.55 11.23
C HIS D 242 -8.30 -15.23 10.15
N ARG D 243 -7.71 -14.44 9.24
CA ARG D 243 -6.83 -15.00 8.23
C ARG D 243 -5.60 -15.64 8.86
N ALA D 244 -5.06 -15.00 9.89
CA ALA D 244 -3.94 -15.60 10.61
C ALA D 244 -4.32 -16.93 11.21
N GLN D 245 -5.51 -17.02 11.82
CA GLN D 245 -5.92 -18.25 12.47
C GLN D 245 -6.19 -19.36 11.45
N VAL D 246 -6.84 -19.02 10.33
CA VAL D 246 -7.11 -20.05 9.34
C VAL D 246 -5.83 -20.47 8.64
N GLY D 247 -4.88 -19.56 8.47
CA GLY D 247 -3.57 -19.95 7.96
C GLY D 247 -2.84 -20.86 8.92
N ASP D 248 -2.98 -20.60 10.23
CA ASP D 248 -2.40 -21.49 11.23
C ASP D 248 -2.98 -22.89 11.11
N VAL D 249 -4.31 -22.99 11.02
CA VAL D 249 -4.92 -24.32 10.95
C VAL D 249 -4.59 -25.00 9.62
N ALA D 250 -4.47 -24.23 8.53
CA ALA D 250 -4.11 -24.83 7.25
C ALA D 250 -2.67 -25.33 7.25
N ALA D 251 -1.76 -24.55 7.86
CA ALA D 251 -0.40 -25.03 8.03
C ALA D 251 -0.35 -26.25 8.92
N GLN D 252 -1.26 -26.34 9.90
CA GLN D 252 -1.32 -27.54 10.73
C GLN D 252 -1.75 -28.75 9.92
N VAL D 253 -2.77 -28.59 9.07
CA VAL D 253 -3.19 -29.69 8.20
C VAL D 253 -2.04 -30.10 7.28
N LEU D 254 -1.35 -29.13 6.68
CA LEU D 254 -0.25 -29.45 5.79
C LEU D 254 0.89 -30.13 6.54
N LEU D 255 1.15 -29.69 7.78
CA LEU D 255 2.18 -30.31 8.59
C LEU D 255 1.83 -31.75 8.93
N LEU D 256 0.58 -32.01 9.30
CA LEU D 256 0.16 -33.38 9.57
C LEU D 256 0.26 -34.24 8.31
N GLN D 257 -0.09 -33.67 7.16
CA GLN D 257 -0.02 -34.42 5.92
C GLN D 257 1.42 -34.78 5.59
N GLY D 258 2.33 -33.81 5.69
CA GLY D 258 3.73 -34.11 5.48
C GLY D 258 4.26 -35.13 6.46
N ARG D 259 3.85 -35.00 7.73
CA ARG D 259 4.26 -35.98 8.74
C ARG D 259 3.86 -37.39 8.33
N ASP D 260 2.58 -37.61 8.07
CA ASP D 260 2.12 -38.96 7.78
C ASP D 260 2.72 -39.48 6.48
N LEU D 261 2.88 -38.61 5.48
CA LEU D 261 3.44 -39.08 4.22
C LEU D 261 4.90 -39.45 4.36
N ASP D 262 5.67 -38.67 5.12
CA ASP D 262 7.06 -39.03 5.37
C ASP D 262 7.14 -40.33 6.17
N LEU D 263 6.25 -40.50 7.14
CA LEU D 263 6.22 -41.74 7.92
C LEU D 263 5.94 -42.94 7.02
N ALA D 264 5.00 -42.78 6.08
CA ALA D 264 4.67 -43.89 5.18
C ALA D 264 5.73 -44.12 4.11
N ALA D 265 6.51 -43.10 3.77
CA ALA D 265 7.45 -43.20 2.67
C ALA D 265 8.84 -43.65 3.12
N THR D 266 9.39 -43.00 4.15
CA THR D 266 10.77 -43.25 4.54
C THR D 266 10.97 -44.68 5.03
N ALA D 267 10.08 -45.13 5.92
CA ALA D 267 10.20 -46.50 6.45
C ALA D 267 10.08 -47.53 5.34
N GLU D 268 9.06 -47.37 4.48
CA GLU D 268 8.85 -48.34 3.41
C GLU D 268 10.00 -48.33 2.42
N ALA D 269 10.62 -47.17 2.20
CA ALA D 269 11.74 -47.10 1.28
C ALA D 269 12.98 -47.76 1.88
N LYS D 270 13.27 -47.49 3.15
CA LYS D 270 14.46 -48.05 3.76
C LYS D 270 14.31 -49.55 4.00
N ARG D 271 13.08 -50.04 4.15
CA ARG D 271 12.87 -51.46 4.40
C ARG D 271 12.63 -52.28 3.14
N SER D 272 12.09 -51.66 2.09
CA SER D 272 11.73 -52.39 0.88
C SER D 272 12.45 -51.86 -0.36
N GLN D 273 12.47 -50.54 -0.56
CA GLN D 273 13.01 -49.99 -1.80
C GLN D 273 14.49 -50.33 -1.98
N HIS D 274 15.25 -50.30 -0.89
CA HIS D 274 16.67 -50.65 -0.98
C HIS D 274 16.87 -52.16 -1.07
N ALA D 275 15.89 -52.93 -0.62
CA ALA D 275 16.00 -54.39 -0.63
C ALA D 275 15.29 -55.03 -1.81
N HIS D 276 14.45 -54.28 -2.52
CA HIS D 276 13.67 -54.87 -3.62
C HIS D 276 14.56 -55.42 -4.72
N GLN D 277 15.33 -54.53 -5.37
CA GLN D 277 16.13 -54.93 -6.52
C GLN D 277 17.60 -54.59 -6.41
N LEU D 278 18.02 -53.83 -5.39
CA LEU D 278 19.44 -53.54 -5.23
C LEU D 278 20.25 -54.77 -4.83
N ARG D 279 19.59 -55.85 -4.42
CA ARG D 279 20.28 -57.09 -4.11
C ARG D 279 20.49 -57.96 -5.35
N ALA D 280 19.61 -57.87 -6.34
CA ALA D 280 19.70 -58.68 -7.55
C ALA D 280 20.49 -58.00 -8.66
N GLY D 281 21.14 -56.88 -8.36
CA GLY D 281 21.90 -56.16 -9.37
C GLY D 281 23.15 -56.89 -9.81
N ASP E 46 -33.45 31.37 -14.50
CA ASP E 46 -32.42 31.82 -15.44
C ASP E 46 -31.08 31.19 -15.11
N LEU E 47 -30.58 31.46 -13.90
CA LEU E 47 -29.29 30.93 -13.45
C LEU E 47 -29.46 29.60 -12.74
N SER E 48 -30.15 28.67 -13.39
CA SER E 48 -30.35 27.34 -12.82
C SER E 48 -29.07 26.51 -12.98
N ILE E 49 -29.15 25.24 -12.57
CA ILE E 49 -28.00 24.36 -12.72
C ILE E 49 -27.75 24.04 -14.18
N TRP E 50 -28.80 24.04 -15.00
CA TRP E 50 -28.67 23.83 -16.44
C TRP E 50 -28.43 25.11 -17.21
N GLY E 51 -28.83 26.26 -16.68
CA GLY E 51 -28.71 27.51 -17.40
C GLY E 51 -27.34 28.15 -17.29
N MET E 52 -26.34 27.50 -17.85
CA MET E 52 -24.96 27.99 -17.81
C MET E 52 -24.40 28.29 -19.18
N TYR E 53 -24.72 27.47 -20.19
CA TYR E 53 -24.23 27.74 -21.54
C TYR E 53 -24.76 29.05 -22.09
N GLN E 54 -25.83 29.59 -21.51
CA GLN E 54 -26.30 30.91 -21.89
C GLN E 54 -25.47 32.01 -21.23
N HIS E 55 -25.14 31.84 -19.96
CA HIS E 55 -24.39 32.83 -19.19
C HIS E 55 -22.95 32.37 -18.94
N ALA E 56 -22.35 31.71 -19.92
CA ALA E 56 -20.98 31.26 -19.80
C ALA E 56 -20.02 32.42 -20.09
N ASP E 57 -18.75 32.21 -19.75
CA ASP E 57 -17.72 33.23 -19.91
C ASP E 57 -16.49 32.57 -20.53
N ALA E 58 -15.38 33.31 -20.52
CA ALA E 58 -14.16 32.82 -21.16
C ALA E 58 -13.62 31.59 -20.45
N VAL E 59 -13.72 31.55 -19.12
CA VAL E 59 -13.25 30.41 -18.33
C VAL E 59 -14.45 29.59 -17.91
N VAL E 60 -15.61 30.24 -17.78
CA VAL E 60 -16.81 29.55 -17.34
C VAL E 60 -17.25 28.52 -18.37
N LYS E 61 -17.27 28.92 -19.65
CA LYS E 61 -17.64 27.97 -20.69
C LYS E 61 -16.66 26.82 -20.76
N ALA E 62 -15.37 27.10 -20.59
CA ALA E 62 -14.35 26.06 -20.65
C ALA E 62 -14.55 25.04 -19.53
N VAL E 63 -14.69 25.52 -18.29
CA VAL E 63 -14.87 24.58 -17.18
C VAL E 63 -16.21 23.87 -17.30
N MET E 64 -17.23 24.52 -17.85
CA MET E 64 -18.53 23.88 -18.01
C MET E 64 -18.45 22.74 -19.01
N ILE E 65 -17.86 22.98 -20.18
CA ILE E 65 -17.76 21.92 -21.17
C ILE E 65 -16.85 20.81 -20.68
N GLY E 66 -15.80 21.16 -19.94
CA GLY E 66 -14.93 20.13 -19.37
C GLY E 66 -15.68 19.23 -18.41
N LEU E 67 -16.48 19.81 -17.52
CA LEU E 67 -17.16 19.00 -16.51
C LEU E 67 -18.31 18.21 -17.11
N VAL E 68 -19.02 18.77 -18.10
CA VAL E 68 -20.09 18.00 -18.73
C VAL E 68 -19.49 16.85 -19.56
N LEU E 69 -18.34 17.08 -20.19
CA LEU E 69 -17.65 16.00 -20.88
C LEU E 69 -17.22 14.92 -19.89
N ALA E 70 -16.70 15.32 -18.74
CA ALA E 70 -16.31 14.35 -17.72
C ALA E 70 -17.50 13.52 -17.25
N SER E 71 -18.63 14.18 -16.98
CA SER E 71 -19.82 13.47 -16.54
C SER E 71 -20.30 12.50 -17.60
N ILE E 72 -20.34 12.95 -18.86
CA ILE E 72 -20.82 12.09 -19.94
C ILE E 72 -19.90 10.89 -20.11
N VAL E 73 -18.59 11.10 -20.06
CA VAL E 73 -17.67 9.99 -20.32
C VAL E 73 -17.71 9.00 -19.16
N THR E 74 -17.83 9.50 -17.92
CA THR E 74 -17.90 8.56 -16.81
C THR E 74 -19.22 7.79 -16.81
N TRP E 75 -20.31 8.43 -17.24
CA TRP E 75 -21.59 7.74 -17.32
C TRP E 75 -21.53 6.63 -18.37
N THR E 76 -21.01 6.94 -19.56
CA THR E 76 -20.97 5.94 -20.61
C THR E 76 -19.98 4.83 -20.27
N ILE E 77 -18.85 5.17 -19.63
CA ILE E 77 -17.92 4.15 -19.20
C ILE E 77 -18.58 3.22 -18.20
N LEU E 78 -19.26 3.78 -17.20
CA LEU E 78 -19.98 2.96 -16.24
C LEU E 78 -20.95 2.03 -16.93
N PHE E 79 -21.82 2.58 -17.77
CA PHE E 79 -22.88 1.76 -18.38
C PHE E 79 -22.29 0.65 -19.26
N ALA E 80 -21.38 1.02 -20.17
CA ALA E 80 -20.81 0.05 -21.10
C ALA E 80 -20.03 -1.02 -20.36
N LYS E 81 -19.09 -0.62 -19.51
CA LYS E 81 -18.27 -1.59 -18.80
C LYS E 81 -19.11 -2.46 -17.88
N GLY E 82 -20.14 -1.89 -17.25
CA GLY E 82 -20.99 -2.68 -16.38
C GLY E 82 -21.78 -3.73 -17.13
N SER E 83 -22.43 -3.33 -18.23
CA SER E 83 -23.17 -4.30 -19.02
C SER E 83 -22.24 -5.40 -19.56
N GLU E 84 -21.11 -4.98 -20.14
CA GLU E 84 -20.17 -5.94 -20.71
C GLU E 84 -19.66 -6.91 -19.65
N LEU E 85 -19.28 -6.39 -18.48
CA LEU E 85 -18.72 -7.25 -17.46
C LEU E 85 -19.78 -8.13 -16.81
N LEU E 86 -21.02 -7.65 -16.69
CA LEU E 86 -22.09 -8.48 -16.17
C LEU E 86 -22.37 -9.66 -17.10
N ARG E 87 -22.47 -9.39 -18.40
CA ARG E 87 -22.69 -10.47 -19.35
C ARG E 87 -21.50 -11.43 -19.37
N ALA E 88 -20.29 -10.88 -19.37
CA ALA E 88 -19.09 -11.73 -19.37
C ALA E 88 -19.02 -12.57 -18.11
N LYS E 89 -19.41 -12.01 -16.97
CA LYS E 89 -19.35 -12.76 -15.72
C LYS E 89 -20.40 -13.84 -15.67
N ARG E 90 -21.60 -13.57 -16.20
CA ARG E 90 -22.59 -14.63 -16.31
C ARG E 90 -22.08 -15.76 -17.20
N ARG E 91 -21.48 -15.42 -18.34
CA ARG E 91 -20.94 -16.44 -19.23
C ARG E 91 -19.83 -17.24 -18.55
N LEU E 92 -18.93 -16.55 -17.83
CA LEU E 92 -17.83 -17.23 -17.17
C LEU E 92 -18.33 -18.11 -16.03
N ARG E 93 -19.36 -17.67 -15.32
CA ARG E 93 -19.96 -18.49 -14.27
C ARG E 93 -20.57 -19.76 -14.86
N ARG E 94 -21.30 -19.61 -15.98
CA ARG E 94 -21.87 -20.79 -16.63
C ARG E 94 -20.78 -21.74 -17.11
N GLU E 95 -19.70 -21.19 -17.67
CA GLU E 95 -18.62 -22.04 -18.18
C GLU E 95 -17.89 -22.74 -17.05
N GLN E 96 -17.63 -22.04 -15.94
CA GLN E 96 -16.99 -22.67 -14.79
C GLN E 96 -17.90 -23.75 -14.19
N LEU E 97 -19.21 -23.51 -14.17
CA LEU E 97 -20.14 -24.53 -13.71
C LEU E 97 -20.09 -25.74 -14.63
N ALA E 98 -19.94 -25.52 -15.94
CA ALA E 98 -19.88 -26.64 -16.87
C ALA E 98 -18.58 -27.43 -16.70
N LEU E 99 -17.47 -26.74 -16.46
CA LEU E 99 -16.17 -27.40 -16.36
C LEU E 99 -15.80 -27.78 -14.93
N ALA E 100 -16.68 -27.58 -13.97
CA ALA E 100 -16.37 -27.87 -12.57
C ALA E 100 -16.28 -29.36 -12.27
N GLU E 101 -16.35 -30.26 -13.25
CA GLU E 101 -16.32 -31.69 -12.99
C GLU E 101 -15.29 -32.39 -13.87
N ALA E 102 -14.18 -31.71 -14.15
CA ALA E 102 -13.17 -32.25 -15.05
C ALA E 102 -12.46 -33.44 -14.42
N ARG E 103 -11.97 -34.33 -15.28
CA ARG E 103 -11.25 -35.53 -14.86
C ARG E 103 -9.85 -35.62 -15.45
N SER E 104 -9.66 -35.18 -16.69
CA SER E 104 -8.35 -35.23 -17.32
C SER E 104 -8.22 -34.05 -18.28
N LEU E 105 -7.03 -33.89 -18.85
CA LEU E 105 -6.78 -32.82 -19.80
C LEU E 105 -7.59 -33.01 -21.08
N ASP E 106 -7.51 -34.21 -21.66
CA ASP E 106 -8.23 -34.48 -22.90
C ASP E 106 -9.72 -34.33 -22.70
N GLU E 107 -10.25 -34.81 -21.57
CA GLU E 107 -11.68 -34.71 -21.32
C GLU E 107 -12.10 -33.25 -21.13
N ALA E 108 -11.28 -32.46 -20.43
CA ALA E 108 -11.58 -31.05 -20.25
C ALA E 108 -11.60 -30.32 -21.58
N SER E 109 -10.61 -30.58 -22.43
CA SER E 109 -10.57 -29.95 -23.74
C SER E 109 -11.78 -30.37 -24.58
N GLU E 110 -12.15 -31.65 -24.53
CA GLU E 110 -13.29 -32.12 -25.29
C GLU E 110 -14.58 -31.44 -24.82
N LEU E 111 -14.78 -31.33 -23.52
CA LEU E 111 -16.00 -30.71 -23.02
C LEU E 111 -16.01 -29.21 -23.24
N ALA E 112 -14.84 -28.57 -23.33
CA ALA E 112 -14.79 -27.13 -23.53
C ALA E 112 -14.69 -26.72 -25.00
N GLN E 113 -14.51 -27.69 -25.91
CA GLN E 113 -14.48 -27.36 -27.33
C GLN E 113 -15.74 -26.60 -27.76
N ASN E 114 -16.89 -26.97 -27.22
CA ASN E 114 -18.15 -26.36 -27.59
C ASN E 114 -18.47 -25.11 -26.78
N PHE E 115 -17.46 -24.44 -26.24
CA PHE E 115 -17.67 -23.22 -25.49
C PHE E 115 -17.66 -22.02 -26.44
N SER E 116 -17.69 -20.82 -25.88
CA SER E 116 -17.65 -19.62 -26.68
C SER E 116 -16.27 -19.43 -27.31
N PRO E 117 -16.19 -18.68 -28.40
CA PRO E 117 -14.85 -18.40 -28.98
C PRO E 117 -13.97 -17.56 -28.06
N GLU E 118 -14.53 -16.54 -27.41
CA GLU E 118 -13.77 -15.71 -26.48
C GLU E 118 -13.83 -16.27 -25.06
N SER E 119 -13.54 -17.56 -24.93
CA SER E 119 -13.61 -18.26 -23.65
C SER E 119 -12.21 -18.31 -23.04
N VAL E 120 -12.02 -17.58 -21.94
CA VAL E 120 -10.74 -17.56 -21.27
C VAL E 120 -10.37 -18.95 -20.78
N SER E 121 -11.37 -19.76 -20.39
CA SER E 121 -11.09 -21.12 -19.97
C SER E 121 -10.46 -21.92 -21.10
N ALA E 122 -11.11 -21.95 -22.26
CA ALA E 122 -10.53 -22.64 -23.41
C ALA E 122 -9.23 -22.00 -23.85
N VAL E 123 -9.07 -20.69 -23.63
CA VAL E 123 -7.79 -20.05 -23.91
C VAL E 123 -6.69 -20.68 -23.08
N LEU E 124 -6.93 -20.85 -21.78
CA LEU E 124 -5.93 -21.47 -20.92
C LEU E 124 -5.71 -22.93 -21.29
N LEU E 125 -6.78 -23.64 -21.66
CA LEU E 125 -6.61 -25.04 -22.05
C LEU E 125 -5.75 -25.16 -23.30
N ASN E 126 -6.01 -24.32 -24.31
CA ASN E 126 -5.17 -24.32 -25.50
C ASN E 126 -3.74 -23.88 -25.19
N ASP E 127 -3.58 -22.97 -24.23
CA ASP E 127 -2.23 -22.57 -23.81
C ASP E 127 -1.47 -23.75 -23.24
N ALA E 128 -2.10 -24.49 -22.31
CA ALA E 128 -1.47 -25.66 -21.74
C ALA E 128 -1.21 -26.72 -22.80
N GLN E 129 -2.13 -26.86 -23.76
CA GLN E 129 -1.96 -27.89 -24.78
C GLN E 129 -0.80 -27.57 -25.71
N ASN E 130 -0.70 -26.33 -26.18
CA ASN E 130 0.43 -25.98 -27.03
C ASN E 130 1.73 -25.94 -26.22
N GLU E 131 1.65 -25.69 -24.92
CA GLU E 131 2.85 -25.80 -24.09
C GLU E 131 3.33 -27.24 -24.02
N LEU E 132 2.41 -28.19 -23.84
CA LEU E 132 2.78 -29.60 -23.88
C LEU E 132 3.32 -29.98 -25.25
N GLU E 133 2.73 -29.44 -26.31
CA GLU E 133 3.19 -29.74 -27.67
C GLU E 133 4.63 -29.26 -27.86
N LEU E 134 4.92 -28.03 -27.44
CA LEU E 134 6.29 -27.53 -27.53
C LEU E 134 7.23 -28.29 -26.60
N SER E 135 6.71 -28.80 -25.49
CA SER E 135 7.49 -29.57 -24.55
C SER E 135 7.51 -31.06 -24.87
N ALA E 136 7.02 -31.44 -26.05
CA ALA E 136 7.11 -32.82 -26.48
C ALA E 136 8.57 -33.28 -26.47
N GLU E 137 8.77 -34.54 -26.05
CA GLU E 137 10.11 -35.12 -25.91
C GLU E 137 10.95 -34.35 -24.91
N SER E 138 10.34 -33.96 -23.79
CA SER E 138 11.04 -33.26 -22.71
C SER E 138 10.57 -33.87 -21.40
N ASN E 139 11.41 -34.71 -20.80
CA ASN E 139 11.07 -35.40 -19.55
C ASN E 139 11.40 -34.55 -18.32
N ASP E 140 10.88 -33.32 -18.30
CA ASP E 140 11.08 -32.40 -17.18
C ASP E 140 9.69 -31.90 -16.76
N ASN E 141 9.06 -32.61 -15.83
CA ASN E 141 7.71 -32.25 -15.40
C ASN E 141 7.70 -30.89 -14.71
N ASN E 142 8.61 -30.69 -13.76
CA ASN E 142 8.61 -29.44 -12.99
C ASN E 142 8.83 -28.23 -13.89
N GLY E 143 9.67 -28.37 -14.91
CA GLY E 143 9.85 -27.27 -15.85
C GLY E 143 8.58 -26.93 -16.59
N ILE E 144 7.86 -27.95 -17.06
CA ILE E 144 6.58 -27.71 -17.74
C ILE E 144 5.59 -27.05 -16.79
N LYS E 145 5.59 -27.48 -15.52
CA LYS E 145 4.68 -26.89 -14.54
C LYS E 145 5.00 -25.41 -14.32
N GLU E 146 6.29 -25.09 -14.17
CA GLU E 146 6.68 -23.69 -13.99
C GLU E 146 6.32 -22.85 -15.20
N ARG E 147 6.60 -23.37 -16.40
CA ARG E 147 6.26 -22.64 -17.62
C ARG E 147 4.76 -22.39 -17.71
N THR E 148 3.96 -23.41 -17.45
CA THR E 148 2.51 -23.26 -17.51
C THR E 148 2.03 -22.27 -16.46
N GLY E 149 2.61 -22.31 -15.26
CA GLY E 149 2.22 -21.37 -14.23
C GLY E 149 2.51 -19.93 -14.63
N PHE E 150 3.70 -19.69 -15.18
CA PHE E 150 4.02 -18.33 -15.63
C PHE E 150 3.11 -17.91 -16.78
N ARG E 151 2.74 -18.86 -17.65
CA ARG E 151 1.85 -18.52 -18.75
C ARG E 151 0.47 -18.14 -18.26
N LEU E 152 -0.09 -18.90 -17.32
CA LEU E 152 -1.39 -18.53 -16.76
C LEU E 152 -1.29 -17.21 -16.00
N GLU E 153 -0.16 -16.95 -15.35
CA GLU E 153 0.02 -15.68 -14.66
C GLU E 153 0.01 -14.52 -15.63
N ARG E 154 0.74 -14.63 -16.75
CA ARG E 154 0.74 -13.56 -17.72
C ARG E 154 -0.63 -13.41 -18.38
N ARG E 155 -1.36 -14.52 -18.56
CA ARG E 155 -2.69 -14.44 -19.14
C ARG E 155 -3.64 -13.68 -18.22
N VAL E 156 -3.64 -14.02 -16.94
CA VAL E 156 -4.54 -13.33 -16.01
C VAL E 156 -4.10 -11.89 -15.81
N ALA E 157 -2.81 -11.61 -15.92
CA ALA E 157 -2.35 -10.22 -15.87
C ALA E 157 -2.87 -9.42 -17.06
N ALA E 158 -2.79 -10.01 -18.25
CA ALA E 158 -3.33 -9.33 -19.43
C ALA E 158 -4.84 -9.15 -19.30
N TYR E 159 -5.53 -10.12 -18.74
CA TYR E 159 -6.98 -10.00 -18.56
C TYR E 159 -7.32 -8.91 -17.57
N SER E 160 -6.55 -8.80 -16.48
CA SER E 160 -6.77 -7.72 -15.52
C SER E 160 -6.48 -6.36 -16.16
N ARG E 161 -5.44 -6.28 -17.00
CA ARG E 161 -5.14 -5.05 -17.69
C ARG E 161 -6.27 -4.67 -18.64
N ASN E 162 -6.85 -5.65 -19.33
CA ASN E 162 -7.95 -5.38 -20.23
C ASN E 162 -9.18 -4.90 -19.47
N MET E 163 -9.54 -5.62 -18.40
CA MET E 163 -10.67 -5.19 -17.58
C MET E 163 -10.34 -3.91 -16.83
N GLY E 164 -9.20 -3.88 -16.15
CA GLY E 164 -8.75 -2.67 -15.48
C GLY E 164 -8.09 -1.71 -16.44
N ARG E 165 -8.82 -1.30 -17.47
CA ARG E 165 -8.30 -0.40 -18.49
C ARG E 165 -8.82 1.02 -18.35
N GLY E 166 -10.07 1.19 -17.95
CA GLY E 166 -10.62 2.52 -17.78
C GLY E 166 -10.63 2.97 -16.33
N ASN E 167 -10.37 2.03 -15.41
CA ASN E 167 -10.37 2.37 -13.99
C ASN E 167 -9.33 3.42 -13.65
N GLY E 168 -8.19 3.41 -14.33
CA GLY E 168 -7.21 4.46 -14.16
C GLY E 168 -7.79 5.83 -14.46
N PHE E 169 -8.46 5.96 -15.61
CA PHE E 169 -9.09 7.22 -15.97
C PHE E 169 -10.21 7.59 -15.00
N LEU E 170 -10.92 6.59 -14.49
CA LEU E 170 -11.94 6.85 -13.48
C LEU E 170 -11.33 7.49 -12.24
N ALA E 171 -10.22 6.92 -11.75
CA ALA E 171 -9.54 7.49 -10.60
C ALA E 171 -9.04 8.90 -10.90
N THR E 172 -8.46 9.09 -12.10
CA THR E 172 -7.97 10.42 -12.46
C THR E 172 -9.08 11.45 -12.43
N ILE E 173 -10.21 11.15 -13.06
CA ILE E 173 -11.28 12.13 -13.13
C ILE E 173 -11.89 12.35 -11.75
N GLY E 174 -12.04 11.28 -10.96
CA GLY E 174 -12.55 11.45 -9.61
C GLY E 174 -11.65 12.30 -8.75
N ALA E 175 -10.34 12.29 -9.03
CA ALA E 175 -9.43 13.12 -8.26
C ALA E 175 -9.40 14.57 -8.76
N ILE E 176 -9.49 14.76 -10.08
CA ILE E 176 -9.25 16.09 -10.64
C ILE E 176 -10.52 16.93 -10.76
N SER E 177 -11.69 16.30 -10.88
CA SER E 177 -12.92 17.07 -11.06
C SER E 177 -13.18 18.07 -9.94
N PRO E 178 -13.04 17.73 -8.65
CA PRO E 178 -13.14 18.79 -7.64
C PRO E 178 -12.06 19.84 -7.77
N PHE E 179 -10.86 19.44 -8.20
CA PHE E 179 -9.77 20.40 -8.31
C PHE E 179 -9.97 21.36 -9.47
N VAL E 180 -10.45 20.86 -10.61
CA VAL E 180 -10.74 21.79 -11.71
C VAL E 180 -11.96 22.63 -11.36
N GLY E 181 -12.89 22.10 -10.56
CA GLY E 181 -13.97 22.92 -10.06
C GLY E 181 -13.46 24.08 -9.24
N LEU E 182 -12.54 23.81 -8.32
CA LEU E 182 -11.91 24.88 -7.56
C LEU E 182 -11.13 25.84 -8.44
N PHE E 183 -10.52 25.33 -9.51
CA PHE E 183 -9.79 26.20 -10.44
C PHE E 183 -10.74 27.19 -11.11
N GLY E 184 -11.85 26.68 -11.65
CA GLY E 184 -12.85 27.56 -12.22
C GLY E 184 -13.42 28.52 -11.19
N THR E 185 -13.60 28.05 -9.96
CA THR E 185 -14.12 28.90 -8.90
C THR E 185 -13.17 30.07 -8.62
N VAL E 186 -11.89 29.78 -8.45
CA VAL E 186 -10.94 30.84 -8.14
C VAL E 186 -10.74 31.76 -9.33
N TRP E 187 -10.87 31.24 -10.56
CA TRP E 187 -10.82 32.13 -11.72
C TRP E 187 -12.02 33.08 -11.72
N GLY E 188 -13.21 32.57 -11.41
CA GLY E 188 -14.35 33.46 -11.28
C GLY E 188 -14.18 34.48 -10.17
N ILE E 189 -13.54 34.06 -9.07
CA ILE E 189 -13.26 34.98 -7.98
C ILE E 189 -12.32 36.08 -8.45
N MET E 190 -11.30 35.72 -9.24
CA MET E 190 -10.38 36.71 -9.78
C MET E 190 -11.09 37.67 -10.73
N ASN E 191 -12.00 37.16 -11.55
CA ASN E 191 -12.77 38.03 -12.43
C ASN E 191 -13.63 38.99 -11.63
N SER E 192 -14.30 38.50 -10.59
CA SER E 192 -15.11 39.38 -9.75
C SER E 192 -14.23 40.41 -9.05
N PHE E 193 -13.02 40.01 -8.64
CA PHE E 193 -12.14 40.93 -7.94
C PHE E 193 -11.63 42.03 -8.87
N ILE E 194 -11.27 41.69 -10.10
CA ILE E 194 -10.82 42.72 -11.03
C ILE E 194 -11.99 43.60 -11.44
N GLY E 195 -13.20 43.06 -11.49
CA GLY E 195 -14.36 43.89 -11.73
C GLY E 195 -14.64 44.86 -10.59
N ILE E 196 -14.42 44.41 -9.36
CA ILE E 196 -14.60 45.28 -8.21
C ILE E 196 -13.53 46.37 -8.18
N ALA E 197 -12.28 46.00 -8.47
CA ALA E 197 -11.18 46.96 -8.44
C ALA E 197 -11.27 47.96 -9.58
N HIS E 198 -11.77 47.54 -10.74
CA HIS E 198 -11.94 48.45 -11.87
C HIS E 198 -13.27 49.19 -11.85
N SER E 199 -14.24 48.69 -11.08
CA SER E 199 -15.54 49.36 -10.90
C SER E 199 -15.90 49.24 -9.43
N GLN E 200 -15.52 50.26 -8.65
CA GLN E 200 -15.75 50.26 -7.21
C GLN E 200 -17.14 50.80 -6.92
N THR E 201 -18.06 49.90 -6.57
CA THR E 201 -19.40 50.26 -6.19
C THR E 201 -19.88 49.29 -5.13
N THR E 202 -20.57 49.82 -4.11
CA THR E 202 -21.01 49.04 -2.97
C THR E 202 -22.34 48.31 -3.24
N ASN E 203 -22.68 48.10 -4.51
CA ASN E 203 -23.92 47.41 -4.85
C ASN E 203 -23.89 45.98 -4.34
N LEU E 204 -24.90 45.61 -3.56
CA LEU E 204 -24.97 44.28 -2.98
C LEU E 204 -25.45 43.24 -3.99
N ALA E 205 -26.15 43.66 -5.04
CA ALA E 205 -26.70 42.69 -5.99
C ALA E 205 -25.70 42.30 -7.07
N VAL E 206 -24.74 43.17 -7.39
CA VAL E 206 -23.80 42.86 -8.46
C VAL E 206 -22.79 41.80 -8.05
N VAL E 207 -22.56 41.61 -6.74
CA VAL E 207 -21.59 40.62 -6.29
C VAL E 207 -22.15 39.21 -6.25
N ALA E 208 -23.45 39.05 -6.45
CA ALA E 208 -24.11 37.75 -6.33
C ALA E 208 -23.87 36.83 -7.53
N PRO E 209 -24.10 37.27 -8.77
CA PRO E 209 -24.05 36.30 -9.89
C PRO E 209 -22.68 35.67 -10.11
N GLY E 210 -21.60 36.42 -9.93
CA GLY E 210 -20.28 35.85 -10.14
C GLY E 210 -19.97 34.73 -9.17
N ILE E 211 -20.16 34.99 -7.88
CA ILE E 211 -19.93 33.96 -6.88
C ILE E 211 -20.92 32.81 -7.08
N ALA E 212 -22.14 33.11 -7.50
CA ALA E 212 -23.13 32.07 -7.75
C ALA E 212 -22.65 31.12 -8.84
N GLU E 213 -22.17 31.67 -9.96
CA GLU E 213 -21.67 30.83 -11.03
C GLU E 213 -20.42 30.07 -10.61
N ALA E 214 -19.57 30.70 -9.79
CA ALA E 214 -18.38 30.01 -9.30
C ALA E 214 -18.76 28.78 -8.48
N LEU E 215 -19.65 28.95 -7.50
CA LEU E 215 -20.08 27.81 -6.70
C LEU E 215 -20.88 26.81 -7.51
N LEU E 216 -21.56 27.25 -8.57
CA LEU E 216 -22.29 26.30 -9.41
C LEU E 216 -21.31 25.42 -10.20
N ALA E 217 -20.25 26.02 -10.73
CA ALA E 217 -19.20 25.23 -11.36
C ALA E 217 -18.54 24.30 -10.36
N THR E 218 -18.36 24.77 -9.12
CA THR E 218 -17.84 23.91 -8.06
C THR E 218 -18.73 22.70 -7.87
N ALA E 219 -20.03 22.92 -7.71
CA ALA E 219 -20.99 21.83 -7.51
C ALA E 219 -21.01 20.89 -8.70
N MET E 220 -20.85 21.42 -9.92
CA MET E 220 -20.75 20.55 -11.08
C MET E 220 -19.51 19.67 -10.99
N GLY E 221 -18.39 20.23 -10.57
CA GLY E 221 -17.20 19.42 -10.34
C GLY E 221 -17.42 18.32 -9.33
N LEU E 222 -18.12 18.65 -8.23
CA LEU E 222 -18.35 17.65 -7.19
C LEU E 222 -19.31 16.56 -7.66
N VAL E 223 -20.35 16.93 -8.40
CA VAL E 223 -21.31 15.95 -8.90
C VAL E 223 -20.74 15.14 -10.06
N ALA E 224 -19.63 15.59 -10.65
CA ALA E 224 -18.87 14.73 -11.54
C ALA E 224 -17.89 13.86 -10.78
N ALA E 225 -17.42 14.33 -9.62
CA ALA E 225 -16.43 13.58 -8.84
C ALA E 225 -17.04 12.37 -8.15
N ILE E 226 -18.10 12.59 -7.38
CA ILE E 226 -18.64 11.51 -6.53
C ILE E 226 -19.05 10.29 -7.34
N PRO E 227 -19.83 10.41 -8.43
CA PRO E 227 -20.09 9.21 -9.24
C PRO E 227 -18.82 8.56 -9.75
N ALA E 228 -17.83 9.36 -10.16
CA ALA E 228 -16.58 8.79 -10.65
C ALA E 228 -15.95 7.86 -9.62
N VAL E 229 -15.82 8.33 -8.38
CA VAL E 229 -15.13 7.53 -7.38
C VAL E 229 -15.97 6.34 -6.94
N VAL E 230 -17.29 6.52 -6.86
CA VAL E 230 -18.11 5.39 -6.41
C VAL E 230 -18.11 4.29 -7.48
N ILE E 231 -18.12 4.66 -8.76
CA ILE E 231 -18.04 3.64 -9.80
C ILE E 231 -16.65 3.03 -9.85
N TYR E 232 -15.60 3.82 -9.60
CA TYR E 232 -14.27 3.25 -9.50
C TYR E 232 -14.20 2.20 -8.41
N ASN E 233 -14.83 2.47 -7.27
CA ASN E 233 -14.78 1.54 -6.14
C ASN E 233 -15.57 0.26 -6.45
N ILE E 234 -16.79 0.41 -7.00
CA ILE E 234 -17.56 -0.79 -7.29
C ILE E 234 -16.90 -1.60 -8.40
N PHE E 235 -16.26 -0.93 -9.37
CA PHE E 235 -15.54 -1.65 -10.41
C PHE E 235 -14.32 -2.36 -9.83
N ALA E 236 -13.65 -1.74 -8.87
CA ALA E 236 -12.55 -2.42 -8.19
C ALA E 236 -13.04 -3.68 -7.49
N ARG E 237 -14.20 -3.60 -6.83
CA ARG E 237 -14.75 -4.78 -6.16
C ARG E 237 -15.06 -5.88 -7.17
N VAL E 238 -15.75 -5.53 -8.26
CA VAL E 238 -16.15 -6.55 -9.21
C VAL E 238 -14.94 -7.12 -9.95
N ILE E 239 -13.91 -6.31 -10.19
CA ILE E 239 -12.74 -6.84 -10.87
C ILE E 239 -11.94 -7.71 -9.91
N SER E 240 -11.97 -7.41 -8.62
CA SER E 240 -11.36 -8.30 -7.64
C SER E 240 -12.07 -9.65 -7.65
N GLY E 241 -13.40 -9.64 -7.67
CA GLY E 241 -14.14 -10.88 -7.74
C GLY E 241 -13.84 -11.66 -9.01
N HIS E 242 -13.80 -10.97 -10.15
CA HIS E 242 -13.54 -11.63 -11.42
C HIS E 242 -12.13 -12.20 -11.47
N ARG E 243 -11.15 -11.47 -10.95
CA ARG E 243 -9.78 -11.97 -10.92
C ARG E 243 -9.65 -13.15 -9.97
N ALA E 244 -10.41 -13.15 -8.86
CA ALA E 244 -10.42 -14.32 -8.00
C ALA E 244 -11.00 -15.53 -8.72
N GLN E 245 -12.07 -15.31 -9.50
CA GLN E 245 -12.68 -16.42 -10.24
C GLN E 245 -11.72 -16.97 -11.29
N VAL E 246 -11.05 -16.08 -12.03
CA VAL E 246 -10.14 -16.56 -13.07
C VAL E 246 -8.91 -17.21 -12.45
N GLY E 247 -8.46 -16.73 -11.29
CA GLY E 247 -7.39 -17.42 -10.58
C GLY E 247 -7.82 -18.79 -10.12
N ASP E 248 -9.08 -18.92 -9.70
CA ASP E 248 -9.59 -20.22 -9.30
C ASP E 248 -9.60 -21.20 -10.47
N VAL E 249 -10.11 -20.76 -11.63
CA VAL E 249 -10.17 -21.68 -12.76
C VAL E 249 -8.77 -21.99 -13.28
N ALA E 250 -7.85 -21.03 -13.20
CA ALA E 250 -6.46 -21.31 -13.57
C ALA E 250 -5.84 -22.34 -12.64
N ALA E 251 -6.05 -22.18 -11.33
CA ALA E 251 -5.61 -23.18 -10.38
C ALA E 251 -6.20 -24.55 -10.71
N GLN E 252 -7.48 -24.57 -11.07
CA GLN E 252 -8.14 -25.83 -11.40
C GLN E 252 -7.45 -26.52 -12.57
N VAL E 253 -7.24 -25.78 -13.67
CA VAL E 253 -6.67 -26.41 -14.86
C VAL E 253 -5.22 -26.84 -14.60
N LEU E 254 -4.45 -26.02 -13.88
CA LEU E 254 -3.07 -26.40 -13.64
C LEU E 254 -2.97 -27.59 -12.70
N LEU E 255 -3.85 -27.67 -11.70
CA LEU E 255 -3.82 -28.82 -10.80
C LEU E 255 -4.28 -30.08 -11.52
N LEU E 256 -5.23 -29.96 -12.44
CA LEU E 256 -5.63 -31.13 -13.22
C LEU E 256 -4.48 -31.60 -14.10
N GLN E 257 -3.82 -30.68 -14.79
CA GLN E 257 -2.63 -31.01 -15.56
C GLN E 257 -1.60 -31.74 -14.71
N GLY E 258 -1.25 -31.14 -13.57
CA GLY E 258 -0.26 -31.75 -12.70
C GLY E 258 -0.67 -33.14 -12.25
N ARG E 259 -1.94 -33.29 -11.86
CA ARG E 259 -2.43 -34.57 -11.38
C ARG E 259 -2.28 -35.65 -12.45
N ASP E 260 -2.82 -35.41 -13.64
CA ASP E 260 -2.79 -36.46 -14.66
C ASP E 260 -1.35 -36.74 -15.11
N LEU E 261 -0.54 -35.70 -15.30
CA LEU E 261 0.83 -35.91 -15.74
C LEU E 261 1.62 -36.69 -14.69
N ASP E 262 1.45 -36.33 -13.41
CA ASP E 262 2.18 -37.01 -12.35
C ASP E 262 1.72 -38.46 -12.20
N LEU E 263 0.42 -38.71 -12.38
CA LEU E 263 -0.07 -40.08 -12.31
C LEU E 263 0.53 -40.93 -13.42
N ALA E 264 0.49 -40.43 -14.66
CA ALA E 264 1.05 -41.16 -15.78
C ALA E 264 2.54 -41.41 -15.57
N ALA E 265 3.28 -40.37 -15.18
CA ALA E 265 4.71 -40.46 -14.95
C ALA E 265 5.02 -41.48 -13.86
N THR E 266 4.35 -41.36 -12.71
CA THR E 266 4.53 -42.31 -11.62
C THR E 266 4.35 -43.74 -12.12
N ALA E 267 3.20 -44.03 -12.70
CA ALA E 267 2.92 -45.39 -13.17
C ALA E 267 4.01 -45.91 -14.10
N GLU E 268 4.22 -45.21 -15.22
CA GLU E 268 5.12 -45.72 -16.26
C GLU E 268 6.56 -45.79 -15.76
N ALA E 269 7.06 -44.70 -15.18
CA ALA E 269 8.43 -44.65 -14.68
C ALA E 269 8.65 -45.73 -13.64
N LYS E 270 7.76 -45.82 -12.64
CA LYS E 270 7.87 -46.84 -11.60
C LYS E 270 7.98 -48.22 -12.21
N ARG E 271 6.97 -48.63 -13.00
CA ARG E 271 6.98 -49.99 -13.55
C ARG E 271 8.26 -50.24 -14.34
N SER E 272 8.56 -49.39 -15.32
CA SER E 272 9.68 -49.65 -16.23
C SER E 272 11.01 -49.66 -15.47
N GLN E 273 11.28 -48.60 -14.72
CA GLN E 273 12.57 -48.48 -14.03
C GLN E 273 12.76 -49.61 -13.03
N HIS E 274 11.76 -49.84 -12.16
CA HIS E 274 11.92 -50.82 -11.10
C HIS E 274 11.75 -52.25 -11.58
N ALA E 275 11.37 -52.47 -12.85
CA ALA E 275 11.26 -53.82 -13.37
C ALA E 275 12.35 -54.17 -14.36
N HIS E 276 13.06 -53.19 -14.93
CA HIS E 276 13.98 -53.47 -16.02
C HIS E 276 15.42 -53.20 -15.60
N GLN E 277 15.74 -52.01 -15.09
CA GLN E 277 17.11 -51.54 -15.13
C GLN E 277 17.96 -51.90 -13.91
N LEU E 278 17.44 -52.70 -12.99
CA LEU E 278 18.26 -53.27 -11.94
C LEU E 278 18.57 -54.74 -12.16
N ARG E 279 17.76 -55.45 -12.95
CA ARG E 279 18.12 -56.76 -13.45
C ARG E 279 18.87 -56.68 -14.77
N ALA E 280 18.81 -55.54 -15.47
CA ALA E 280 19.56 -55.31 -16.68
C ALA E 280 20.95 -54.74 -16.40
N GLY E 281 21.47 -54.94 -15.20
CA GLY E 281 22.79 -54.45 -14.85
C GLY E 281 23.67 -55.49 -14.20
N ILE F 18 -9.71 12.06 2.62
CA ILE F 18 -9.16 11.80 1.29
C ILE F 18 -9.03 13.11 0.52
N ASN F 19 -10.16 13.70 0.18
CA ASN F 19 -10.22 14.96 -0.56
C ASN F 19 -11.24 15.89 0.07
N VAL F 20 -11.15 16.06 1.39
CA VAL F 20 -12.04 16.95 2.12
C VAL F 20 -11.41 18.33 2.23
N THR F 21 -10.37 18.57 1.44
CA THR F 21 -9.67 19.85 1.39
C THR F 21 -10.42 21.01 0.72
N PRO F 22 -11.32 20.80 -0.28
CA PRO F 22 -11.82 21.95 -1.06
C PRO F 22 -12.65 22.95 -0.28
N PHE F 23 -12.80 22.77 1.03
CA PHE F 23 -13.51 23.76 1.83
C PHE F 23 -12.74 25.08 1.92
N ILE F 24 -11.43 25.05 1.71
CA ILE F 24 -10.59 26.23 1.95
C ILE F 24 -11.04 27.40 1.10
N ASP F 25 -11.05 27.21 -0.22
CA ASP F 25 -11.30 28.34 -1.12
C ASP F 25 -12.73 28.84 -1.00
N VAL F 26 -13.70 27.93 -0.93
CA VAL F 26 -15.10 28.35 -0.83
C VAL F 26 -15.33 29.10 0.48
N MET F 27 -14.75 28.62 1.58
CA MET F 27 -14.94 29.30 2.86
C MET F 27 -14.26 30.65 2.87
N LEU F 28 -13.08 30.76 2.25
CA LEU F 28 -12.40 32.06 2.26
C LEU F 28 -13.09 33.06 1.36
N VAL F 29 -13.63 32.61 0.23
CA VAL F 29 -14.35 33.57 -0.61
C VAL F 29 -15.68 33.94 0.02
N LEU F 30 -16.29 33.03 0.78
CA LEU F 30 -17.45 33.39 1.58
C LEU F 30 -17.08 34.48 2.58
N LEU F 31 -15.95 34.31 3.26
CA LEU F 31 -15.44 35.34 4.17
C LEU F 31 -15.30 36.67 3.45
N ILE F 32 -14.70 36.65 2.26
CA ILE F 32 -14.44 37.89 1.54
C ILE F 32 -15.74 38.57 1.14
N ILE F 33 -16.69 37.80 0.61
CA ILE F 33 -17.93 38.43 0.12
C ILE F 33 -18.75 38.94 1.30
N PHE F 34 -18.72 38.23 2.43
CA PHE F 34 -19.46 38.72 3.60
C PHE F 34 -18.80 39.98 4.17
N MET F 35 -17.46 40.03 4.19
CA MET F 35 -16.79 41.20 4.73
C MET F 35 -16.90 42.40 3.80
N VAL F 36 -17.08 42.18 2.50
CA VAL F 36 -17.27 43.32 1.59
C VAL F 36 -18.73 43.75 1.53
N ALA F 37 -19.67 42.84 1.81
CA ALA F 37 -21.06 43.23 1.95
C ALA F 37 -21.38 43.79 3.33
N ALA F 38 -20.46 43.65 4.28
CA ALA F 38 -20.63 44.24 5.61
C ALA F 38 -21.03 45.71 5.59
N PRO F 39 -20.39 46.60 4.79
CA PRO F 39 -20.87 47.99 4.75
C PRO F 39 -22.26 48.11 4.16
N LEU F 40 -22.46 47.51 2.98
CA LEU F 40 -23.76 47.53 2.32
C LEU F 40 -23.81 46.49 1.21
N HIS G 16 2.55 7.94 2.89
CA HIS G 16 2.26 8.79 4.05
C HIS G 16 1.90 10.20 3.60
N GLU G 17 0.94 10.80 4.29
CA GLU G 17 0.47 12.14 4.00
C GLU G 17 0.76 13.05 5.19
N ILE G 18 0.26 14.28 5.11
CA ILE G 18 0.42 15.23 6.22
C ILE G 18 -0.91 15.39 6.94
N ASN G 19 -1.90 15.95 6.24
CA ASN G 19 -3.24 16.16 6.76
C ASN G 19 -4.10 16.78 5.67
N VAL G 20 -5.42 16.65 5.83
CA VAL G 20 -6.37 17.37 4.98
C VAL G 20 -7.44 18.10 5.78
N THR G 21 -7.69 17.72 7.04
CA THR G 21 -8.75 18.26 7.88
C THR G 21 -8.46 19.60 8.57
N PRO G 22 -7.27 19.81 9.16
CA PRO G 22 -7.15 20.85 10.19
C PRO G 22 -7.41 22.27 9.70
N PHE G 23 -7.14 22.57 8.42
CA PHE G 23 -7.28 23.94 7.96
C PHE G 23 -8.74 24.40 7.95
N ILE G 24 -9.66 23.46 7.69
CA ILE G 24 -11.07 23.80 7.57
C ILE G 24 -11.62 24.39 8.86
N ASP G 25 -11.06 23.98 10.00
CA ASP G 25 -11.50 24.55 11.27
C ASP G 25 -11.26 26.06 11.32
N VAL G 26 -10.04 26.49 11.02
CA VAL G 26 -9.77 27.92 11.06
C VAL G 26 -10.49 28.65 9.93
N MET G 27 -10.63 28.02 8.76
CA MET G 27 -11.40 28.66 7.70
C MET G 27 -12.82 28.96 8.17
N LEU G 28 -13.47 27.97 8.77
CA LEU G 28 -14.85 28.17 9.25
C LEU G 28 -14.91 29.20 10.37
N VAL G 29 -14.00 29.14 11.34
CA VAL G 29 -14.12 30.06 12.48
C VAL G 29 -13.83 31.48 12.04
N LEU G 30 -12.90 31.68 11.11
CA LEU G 30 -12.67 33.01 10.57
C LEU G 30 -13.86 33.50 9.76
N LEU G 31 -14.46 32.62 8.97
CA LEU G 31 -15.69 32.97 8.26
C LEU G 31 -16.76 33.47 9.22
N ILE G 32 -16.95 32.75 10.32
CA ILE G 32 -18.02 33.11 11.25
C ILE G 32 -17.67 34.39 12.01
N ILE G 33 -16.43 34.55 12.47
CA ILE G 33 -16.10 35.77 13.18
C ILE G 33 -16.24 36.97 12.25
N PHE G 34 -15.95 36.81 10.96
CA PHE G 34 -16.12 37.92 10.04
C PHE G 34 -17.59 38.22 9.78
N MET G 35 -18.42 37.18 9.55
CA MET G 35 -19.81 37.44 9.28
C MET G 35 -20.55 37.98 10.48
N VAL G 36 -20.07 37.72 11.71
CA VAL G 36 -20.69 38.33 12.88
C VAL G 36 -20.16 39.73 13.10
N ALA G 37 -18.85 39.95 12.91
CA ALA G 37 -18.31 41.30 13.07
C ALA G 37 -18.79 42.24 11.98
N ALA G 38 -19.35 41.72 10.90
CA ALA G 38 -19.99 42.54 9.89
C ALA G 38 -21.07 43.41 10.54
N PRO G 39 -21.00 44.74 10.38
CA PRO G 39 -21.99 45.59 11.08
C PRO G 39 -23.40 45.39 10.58
N LEU G 40 -23.61 45.35 9.28
CA LEU G 40 -24.96 45.17 8.73
C LEU G 40 -25.36 43.70 8.77
#